data_2EJ3
#
_entry.id   2EJ3
#
_cell.length_a   143.714
_cell.length_b   143.714
_cell.length_c   115.717
_cell.angle_alpha   90.00
_cell.angle_beta   90.00
_cell.angle_gamma   90.00
#
_symmetry.space_group_name_H-M   'P 41 21 2'
#
loop_
_entity.id
_entity.type
_entity.pdbx_description
1 polymer 'Branched-chain amino acid aminotransferase'
2 non-polymer "PYRIDOXAL-5'-PHOSPHATE"
3 non-polymer '[1-(AMINOMETHYL)CYCLOHEXYL]ACETIC ACID'
4 non-polymer (4S)-2-METHYL-2,4-PENTANEDIOL
5 water water
#
_entity_poly.entity_id   1
_entity_poly.type   'polypeptide(L)'
_entity_poly.pdbx_seq_one_letter_code
;MQIKAGLIWMNGAFVPQEEAKTSVLSHALHYGTSVFEGIRAYETAKGPAIFRLKEHVKRFYNSAKVLRMEIPFAPEELEE
AIKEVVRRNGYRSCYIRPLAWMGAKALGVNPLPNNPAEVMVAAWEWGAYLGEEAVRKGARLITSSWARFPANVMPGKAKV
GGNYVNSALAKMEAVAAGADEALLLDEEGYVAEGSGENLFFVRDGVIYALEHSVNLEGITRDSVIRIAKDLGYEVQVVRA
TRDQLYMADEVFMTGTAAEVTPVSMIDWRPIGKGTAGPVALRLREVYLEAVTGRRPEYEGWLTYVNGQ
;
_entity_poly.pdbx_strand_id   A,B,C
#
# COMPACT_ATOMS: atom_id res chain seq x y z
N GLN A 2 -31.07 -30.38 -8.82
CA GLN A 2 -31.00 -29.27 -9.82
C GLN A 2 -31.38 -27.93 -9.19
N ILE A 3 -31.42 -26.88 -10.02
CA ILE A 3 -31.76 -25.55 -9.56
C ILE A 3 -33.19 -25.20 -9.95
N LYS A 4 -33.98 -24.72 -8.99
CA LYS A 4 -35.36 -24.34 -9.24
C LYS A 4 -35.45 -22.84 -9.56
N ALA A 5 -35.13 -22.49 -10.80
CA ALA A 5 -35.15 -21.09 -11.24
C ALA A 5 -36.50 -20.69 -11.83
N GLY A 6 -37.13 -21.60 -12.54
CA GLY A 6 -38.41 -21.31 -13.15
C GLY A 6 -38.22 -20.58 -14.47
N LEU A 7 -38.94 -19.47 -14.65
CA LEU A 7 -38.84 -18.70 -15.87
C LEU A 7 -37.52 -17.94 -15.91
N ILE A 8 -36.79 -18.08 -17.02
CA ILE A 8 -35.52 -17.42 -17.20
C ILE A 8 -35.59 -16.47 -18.38
N TRP A 9 -35.02 -15.29 -18.23
CA TRP A 9 -35.02 -14.29 -19.29
C TRP A 9 -33.87 -14.62 -20.25
N MET A 10 -34.24 -15.00 -21.47
CA MET A 10 -33.25 -15.35 -22.49
C MET A 10 -33.21 -14.36 -23.65
N ASN A 11 -32.19 -13.50 -23.65
CA ASN A 11 -32.00 -12.53 -24.72
C ASN A 11 -33.25 -11.76 -25.17
N GLY A 12 -34.01 -11.21 -24.23
CA GLY A 12 -35.18 -10.45 -24.61
C GLY A 12 -36.52 -11.00 -24.20
N ALA A 13 -36.62 -12.30 -23.97
CA ALA A 13 -37.89 -12.90 -23.59
C ALA A 13 -37.73 -14.03 -22.59
N PHE A 14 -38.76 -14.27 -21.78
CA PHE A 14 -38.73 -15.33 -20.79
C PHE A 14 -39.14 -16.66 -21.40
N VAL A 15 -38.55 -17.73 -20.87
CA VAL A 15 -38.85 -19.07 -21.33
C VAL A 15 -38.73 -20.01 -20.15
N PRO A 16 -39.34 -21.20 -20.24
CA PRO A 16 -39.25 -22.16 -19.14
C PRO A 16 -37.79 -22.52 -18.95
N GLN A 17 -37.39 -22.83 -17.72
CA GLN A 17 -36.01 -23.17 -17.44
C GLN A 17 -35.46 -24.23 -18.39
N GLU A 18 -36.26 -25.25 -18.67
CA GLU A 18 -35.86 -26.34 -19.55
C GLU A 18 -35.47 -25.88 -20.95
N GLU A 19 -35.92 -24.69 -21.33
CA GLU A 19 -35.62 -24.16 -22.66
C GLU A 19 -34.44 -23.20 -22.63
N ALA A 20 -34.00 -22.84 -21.42
CA ALA A 20 -32.89 -21.92 -21.25
C ALA A 20 -31.57 -22.67 -21.42
N LYS A 21 -31.24 -22.97 -22.68
CA LYS A 21 -30.01 -23.70 -22.97
C LYS A 21 -29.21 -23.02 -24.06
N THR A 22 -27.94 -23.39 -24.16
CA THR A 22 -27.06 -22.80 -25.16
C THR A 22 -26.11 -23.85 -25.75
N SER A 23 -25.66 -23.60 -26.98
CA SER A 23 -24.76 -24.51 -27.69
C SER A 23 -23.52 -24.88 -26.89
N VAL A 24 -23.15 -26.16 -26.93
CA VAL A 24 -21.96 -26.63 -26.23
C VAL A 24 -20.71 -26.11 -26.94
N LEU A 25 -20.92 -25.43 -28.06
CA LEU A 25 -19.81 -24.86 -28.81
C LEU A 25 -19.68 -23.38 -28.44
N SER A 26 -20.40 -22.96 -27.40
CA SER A 26 -20.33 -21.57 -26.94
C SER A 26 -18.91 -21.27 -26.46
N HIS A 27 -18.36 -20.17 -26.95
CA HIS A 27 -17.01 -19.72 -26.61
C HIS A 27 -16.77 -19.74 -25.09
N ALA A 28 -17.71 -19.19 -24.33
CA ALA A 28 -17.59 -19.11 -22.88
C ALA A 28 -17.56 -20.47 -22.18
N LEU A 29 -18.16 -21.48 -22.78
CA LEU A 29 -18.16 -22.82 -22.19
C LEU A 29 -16.78 -23.46 -22.35
N HIS A 30 -16.01 -22.95 -23.31
CA HIS A 30 -14.67 -23.47 -23.58
C HIS A 30 -13.56 -22.61 -23.02
N TYR A 31 -13.75 -21.28 -23.05
CA TYR A 31 -12.72 -20.37 -22.62
C TYR A 31 -13.01 -19.45 -21.42
N GLY A 32 -14.12 -19.69 -20.73
CA GLY A 32 -14.46 -18.88 -19.57
C GLY A 32 -14.82 -17.44 -19.88
N THR A 33 -15.16 -17.17 -21.13
CA THR A 33 -15.49 -15.81 -21.56
C THR A 33 -16.93 -15.38 -21.29
N SER A 34 -17.28 -15.24 -20.02
CA SER A 34 -18.60 -14.80 -19.62
C SER A 34 -18.43 -13.85 -18.45
N VAL A 35 -19.47 -13.07 -18.17
CA VAL A 35 -19.46 -12.14 -17.03
C VAL A 35 -20.80 -12.32 -16.34
N PHE A 36 -20.83 -12.11 -15.03
CA PHE A 36 -22.07 -12.28 -14.28
C PHE A 36 -22.17 -11.36 -13.08
N GLU A 37 -23.33 -11.38 -12.44
CA GLU A 37 -23.56 -10.58 -11.26
C GLU A 37 -24.35 -11.40 -10.24
N GLY A 38 -24.34 -10.90 -9.01
CA GLY A 38 -25.07 -11.54 -7.93
C GLY A 38 -25.86 -10.41 -7.32
N ILE A 39 -27.17 -10.48 -7.45
CA ILE A 39 -28.04 -9.43 -6.93
C ILE A 39 -29.12 -10.05 -6.08
N ARG A 40 -29.47 -9.38 -4.98
CA ARG A 40 -30.51 -9.93 -4.14
C ARG A 40 -31.72 -9.05 -3.96
N ALA A 41 -32.84 -9.73 -3.78
CA ALA A 41 -34.12 -9.08 -3.53
C ALA A 41 -34.51 -9.61 -2.15
N TYR A 42 -34.91 -8.70 -1.26
CA TYR A 42 -35.33 -9.08 0.08
C TYR A 42 -36.80 -8.70 0.24
N GLU A 43 -37.50 -9.43 1.10
CA GLU A 43 -38.91 -9.13 1.34
C GLU A 43 -39.00 -7.98 2.34
N THR A 44 -39.87 -7.02 2.05
CA THR A 44 -40.06 -5.89 2.93
C THR A 44 -41.57 -5.73 3.15
N ALA A 45 -41.96 -4.89 4.09
CA ALA A 45 -43.37 -4.67 4.37
C ALA A 45 -44.08 -4.15 3.13
N LYS A 46 -43.30 -3.63 2.18
CA LYS A 46 -43.87 -3.09 0.95
C LYS A 46 -43.52 -3.94 -0.27
N GLY A 47 -43.34 -5.24 -0.05
CA GLY A 47 -43.01 -6.13 -1.16
C GLY A 47 -41.52 -6.33 -1.37
N PRO A 48 -41.12 -7.19 -2.32
CA PRO A 48 -39.71 -7.47 -2.61
C PRO A 48 -38.95 -6.23 -3.05
N ALA A 49 -37.71 -6.11 -2.59
CA ALA A 49 -36.87 -4.98 -2.96
C ALA A 49 -35.48 -5.48 -3.33
N ILE A 50 -35.01 -5.05 -4.50
CA ILE A 50 -33.69 -5.44 -5.00
C ILE A 50 -32.64 -4.48 -4.43
N PHE A 51 -31.61 -5.04 -3.81
CA PHE A 51 -30.55 -4.21 -3.20
C PHE A 51 -29.51 -3.68 -4.17
N ARG A 52 -29.44 -2.35 -4.27
CA ARG A 52 -28.51 -1.64 -5.14
C ARG A 52 -28.42 -2.22 -6.55
N LEU A 53 -29.57 -2.27 -7.22
CA LEU A 53 -29.69 -2.79 -8.57
C LEU A 53 -28.82 -2.07 -9.60
N LYS A 54 -28.83 -0.75 -9.55
CA LYS A 54 -28.04 0.03 -10.50
C LYS A 54 -26.54 -0.20 -10.37
N GLU A 55 -26.03 -0.26 -9.15
CA GLU A 55 -24.60 -0.48 -8.95
C GLU A 55 -24.22 -1.84 -9.51
N HIS A 56 -25.09 -2.83 -9.32
CA HIS A 56 -24.81 -4.17 -9.84
C HIS A 56 -24.84 -4.21 -11.37
N VAL A 57 -25.82 -3.57 -11.98
CA VAL A 57 -25.91 -3.54 -13.42
C VAL A 57 -24.71 -2.78 -14.01
N LYS A 58 -24.33 -1.68 -13.37
CA LYS A 58 -23.19 -0.91 -13.85
C LYS A 58 -21.94 -1.77 -13.87
N ARG A 59 -21.74 -2.56 -12.82
CA ARG A 59 -20.57 -3.44 -12.74
C ARG A 59 -20.66 -4.54 -13.78
N PHE A 60 -21.89 -4.96 -14.09
CA PHE A 60 -22.13 -6.01 -15.08
C PHE A 60 -21.58 -5.50 -16.41
N TYR A 61 -21.91 -4.26 -16.76
CA TYR A 61 -21.41 -3.69 -18.01
C TYR A 61 -19.92 -3.42 -17.95
N ASN A 62 -19.42 -3.01 -16.78
CA ASN A 62 -18.00 -2.75 -16.63
C ASN A 62 -17.21 -4.05 -16.82
N SER A 63 -17.73 -5.16 -16.30
CA SER A 63 -17.06 -6.45 -16.45
C SER A 63 -16.99 -6.80 -17.92
N ALA A 64 -18.08 -6.53 -18.64
CA ALA A 64 -18.16 -6.82 -20.07
C ALA A 64 -17.10 -6.01 -20.82
N LYS A 65 -16.94 -4.74 -20.45
CA LYS A 65 -15.95 -3.89 -21.09
C LYS A 65 -14.54 -4.48 -20.95
N VAL A 66 -14.25 -5.08 -19.80
CA VAL A 66 -12.93 -5.68 -19.59
C VAL A 66 -12.64 -6.74 -20.66
N LEU A 67 -13.64 -7.56 -20.99
CA LEU A 67 -13.48 -8.59 -22.01
C LEU A 67 -13.80 -8.03 -23.40
N ARG A 68 -14.05 -6.72 -23.46
CA ARG A 68 -14.40 -6.08 -24.72
C ARG A 68 -15.64 -6.79 -25.30
N MET A 69 -16.50 -7.22 -24.39
CA MET A 69 -17.73 -7.92 -24.73
C MET A 69 -18.86 -6.90 -24.91
N GLU A 70 -19.64 -7.06 -25.98
CA GLU A 70 -20.77 -6.17 -26.25
C GLU A 70 -22.08 -6.78 -25.77
N ILE A 71 -22.76 -6.08 -24.86
CA ILE A 71 -24.04 -6.53 -24.36
C ILE A 71 -25.10 -5.83 -25.21
N PRO A 72 -25.78 -6.58 -26.09
CA PRO A 72 -26.81 -6.06 -26.99
C PRO A 72 -28.13 -5.64 -26.36
N PHE A 73 -28.04 -4.95 -25.21
CA PHE A 73 -29.21 -4.46 -24.49
C PHE A 73 -28.80 -3.24 -23.69
N ALA A 74 -29.71 -2.28 -23.58
CA ALA A 74 -29.43 -1.07 -22.80
C ALA A 74 -29.62 -1.43 -21.33
N PRO A 75 -28.86 -0.75 -20.43
CA PRO A 75 -28.96 -1.02 -19.00
C PRO A 75 -30.40 -1.03 -18.47
N GLU A 76 -31.22 -0.12 -18.99
CA GLU A 76 -32.62 -0.02 -18.59
C GLU A 76 -33.39 -1.30 -18.88
N GLU A 77 -33.09 -1.93 -20.02
CA GLU A 77 -33.77 -3.17 -20.39
C GLU A 77 -33.37 -4.31 -19.47
N LEU A 78 -32.08 -4.36 -19.12
CA LEU A 78 -31.58 -5.40 -18.24
C LEU A 78 -32.19 -5.23 -16.86
N GLU A 79 -32.28 -3.99 -16.41
CA GLU A 79 -32.84 -3.70 -15.10
C GLU A 79 -34.31 -4.13 -15.04
N GLU A 80 -35.03 -3.93 -16.14
CA GLU A 80 -36.43 -4.33 -16.24
C GLU A 80 -36.52 -5.85 -16.24
N ALA A 81 -35.62 -6.51 -16.95
CA ALA A 81 -35.61 -7.97 -17.01
C ALA A 81 -35.36 -8.54 -15.62
N ILE A 82 -34.53 -7.85 -14.85
CA ILE A 82 -34.20 -8.29 -13.50
C ILE A 82 -35.39 -8.11 -12.56
N LYS A 83 -36.13 -7.02 -12.74
CA LYS A 83 -37.31 -6.79 -11.91
C LYS A 83 -38.37 -7.83 -12.27
N GLU A 84 -38.51 -8.07 -13.57
CA GLU A 84 -39.49 -9.03 -14.06
C GLU A 84 -39.19 -10.48 -13.70
N VAL A 85 -37.92 -10.82 -13.52
CA VAL A 85 -37.58 -12.21 -13.18
C VAL A 85 -38.08 -12.50 -11.77
N VAL A 86 -38.19 -11.46 -10.96
CA VAL A 86 -38.67 -11.59 -9.58
C VAL A 86 -40.19 -11.75 -9.61
N ARG A 87 -40.85 -10.84 -10.33
CA ARG A 87 -42.31 -10.84 -10.46
C ARG A 87 -42.83 -12.14 -11.08
N ARG A 88 -42.52 -12.34 -12.36
CA ARG A 88 -42.98 -13.52 -13.09
C ARG A 88 -42.86 -14.83 -12.34
N ASN A 89 -41.86 -14.93 -11.47
CA ASN A 89 -41.67 -16.15 -10.70
C ASN A 89 -42.29 -16.04 -9.31
N GLY A 90 -42.84 -14.87 -9.00
CA GLY A 90 -43.47 -14.67 -7.71
C GLY A 90 -42.54 -14.79 -6.52
N TYR A 91 -41.29 -14.39 -6.70
CA TYR A 91 -40.29 -14.45 -5.63
C TYR A 91 -40.45 -13.28 -4.65
N ARG A 92 -40.08 -13.51 -3.40
CA ARG A 92 -40.17 -12.48 -2.36
C ARG A 92 -38.74 -12.20 -1.89
N SER A 93 -37.97 -13.27 -1.77
CA SER A 93 -36.57 -13.20 -1.37
C SER A 93 -35.87 -14.15 -2.33
N CYS A 94 -34.90 -13.64 -3.07
CA CYS A 94 -34.21 -14.48 -4.03
C CYS A 94 -32.85 -13.94 -4.45
N TYR A 95 -32.06 -14.83 -5.02
CA TYR A 95 -30.74 -14.49 -5.55
C TYR A 95 -30.95 -14.35 -7.04
N ILE A 96 -30.50 -13.23 -7.60
CA ILE A 96 -30.65 -12.99 -9.03
C ILE A 96 -29.29 -13.12 -9.71
N ARG A 97 -29.23 -13.90 -10.78
CA ARG A 97 -27.98 -14.13 -11.49
C ARG A 97 -28.00 -13.71 -12.97
N PRO A 98 -27.54 -12.48 -13.26
CA PRO A 98 -27.50 -12.04 -14.66
C PRO A 98 -26.24 -12.67 -15.25
N LEU A 99 -26.26 -13.06 -16.51
CA LEU A 99 -25.09 -13.66 -17.14
C LEU A 99 -25.03 -13.34 -18.63
N ALA A 100 -23.85 -12.91 -19.07
CA ALA A 100 -23.63 -12.60 -20.49
C ALA A 100 -22.44 -13.46 -20.89
N TRP A 101 -22.57 -14.19 -22.00
CA TRP A 101 -21.48 -15.07 -22.42
C TRP A 101 -21.29 -15.03 -23.92
N MET A 102 -20.07 -15.31 -24.36
CA MET A 102 -19.75 -15.33 -25.78
C MET A 102 -20.32 -16.60 -26.38
N GLY A 103 -21.11 -16.43 -27.45
CA GLY A 103 -21.75 -17.55 -28.11
C GLY A 103 -20.89 -18.47 -28.96
N ALA A 104 -21.56 -19.22 -29.84
CA ALA A 104 -20.89 -20.19 -30.71
C ALA A 104 -20.63 -19.81 -32.15
N LYS A 105 -20.17 -18.58 -32.42
CA LYS A 105 -19.90 -18.21 -33.80
C LYS A 105 -18.53 -18.73 -34.24
N ALA A 106 -17.59 -18.80 -33.30
CA ALA A 106 -16.25 -19.27 -33.59
C ALA A 106 -15.56 -19.75 -32.31
N LEU A 107 -14.54 -20.59 -32.44
CA LEU A 107 -13.84 -21.09 -31.27
C LEU A 107 -12.34 -20.75 -31.23
N GLY A 108 -11.97 -19.65 -31.87
CA GLY A 108 -10.58 -19.21 -31.80
C GLY A 108 -10.55 -18.60 -30.42
N VAL A 109 -9.38 -18.51 -29.78
CA VAL A 109 -9.34 -17.96 -28.43
C VAL A 109 -9.85 -16.51 -28.37
N ASN A 110 -9.66 -15.76 -29.46
CA ASN A 110 -10.11 -14.37 -29.56
C ASN A 110 -11.64 -14.38 -29.51
N PRO A 111 -12.24 -13.70 -28.53
CA PRO A 111 -13.70 -13.66 -28.40
C PRO A 111 -14.44 -12.64 -29.29
N LEU A 112 -13.75 -11.58 -29.68
CA LEU A 112 -14.35 -10.52 -30.49
C LEU A 112 -15.23 -10.99 -31.65
N PRO A 113 -14.79 -12.00 -32.42
CA PRO A 113 -15.62 -12.47 -33.53
C PRO A 113 -16.96 -13.02 -33.06
N ASN A 114 -17.12 -13.24 -31.76
CA ASN A 114 -18.37 -13.78 -31.24
C ASN A 114 -19.38 -12.74 -30.76
N ASN A 115 -18.99 -11.47 -30.73
CA ASN A 115 -19.92 -10.42 -30.31
C ASN A 115 -21.09 -10.35 -31.29
N PRO A 116 -22.26 -9.91 -30.81
CA PRO A 116 -22.52 -9.49 -29.43
C PRO A 116 -22.73 -10.70 -28.52
N ALA A 117 -22.64 -10.48 -27.21
CA ALA A 117 -22.83 -11.56 -26.26
C ALA A 117 -24.28 -11.99 -26.12
N GLU A 118 -24.46 -13.21 -25.66
CA GLU A 118 -25.79 -13.75 -25.39
C GLU A 118 -26.01 -13.28 -23.96
N VAL A 119 -27.27 -13.07 -23.56
CA VAL A 119 -27.52 -12.62 -22.20
C VAL A 119 -28.72 -13.31 -21.60
N MET A 120 -28.64 -13.61 -20.31
CA MET A 120 -29.74 -14.25 -19.62
C MET A 120 -29.76 -13.81 -18.17
N VAL A 121 -30.95 -13.84 -17.57
CA VAL A 121 -31.11 -13.47 -16.17
C VAL A 121 -31.99 -14.54 -15.54
N ALA A 122 -31.46 -15.18 -14.50
CA ALA A 122 -32.19 -16.21 -13.79
C ALA A 122 -32.21 -15.86 -12.30
N ALA A 123 -33.11 -16.49 -11.57
CA ALA A 123 -33.21 -16.24 -10.14
C ALA A 123 -33.86 -17.42 -9.42
N TRP A 124 -33.48 -17.62 -8.17
CA TRP A 124 -34.04 -18.70 -7.37
C TRP A 124 -34.23 -18.24 -5.92
N GLU A 125 -35.33 -18.68 -5.31
CA GLU A 125 -35.67 -18.32 -3.94
C GLU A 125 -34.50 -18.61 -3.01
N TRP A 126 -34.35 -17.77 -1.99
CA TRP A 126 -33.27 -17.93 -1.03
C TRP A 126 -33.81 -18.44 0.32
N VAL A 135 -23.58 -17.80 11.65
CA VAL A 135 -23.40 -16.40 12.14
C VAL A 135 -22.96 -16.38 13.59
N ARG A 136 -23.75 -17.03 14.45
CA ARG A 136 -23.45 -17.08 15.88
C ARG A 136 -22.05 -17.65 16.15
N LYS A 137 -21.84 -18.90 15.75
CA LYS A 137 -20.55 -19.56 15.95
C LYS A 137 -19.45 -18.92 15.10
N GLY A 138 -19.83 -18.41 13.93
CA GLY A 138 -18.85 -17.79 13.04
C GLY A 138 -18.26 -18.78 12.05
N ALA A 139 -17.76 -18.27 10.93
CA ALA A 139 -17.18 -19.13 9.90
C ALA A 139 -15.72 -19.49 10.21
N ARG A 140 -15.31 -20.67 9.76
CA ARG A 140 -13.94 -21.13 9.96
C ARG A 140 -13.22 -21.05 8.61
N LEU A 141 -12.09 -20.36 8.58
CA LEU A 141 -11.35 -20.22 7.33
C LEU A 141 -9.98 -20.90 7.35
N ILE A 142 -9.49 -21.18 6.15
CA ILE A 142 -8.18 -21.78 5.98
C ILE A 142 -7.54 -21.00 4.84
N THR A 143 -6.29 -20.63 5.02
CA THR A 143 -5.58 -19.88 3.99
C THR A 143 -5.26 -20.85 2.86
N SER A 144 -5.68 -20.50 1.65
CA SER A 144 -5.49 -21.33 0.47
C SER A 144 -4.04 -21.44 0.01
N SER A 145 -3.72 -22.53 -0.69
CA SER A 145 -2.38 -22.72 -1.24
C SER A 145 -2.39 -22.15 -2.66
N TRP A 146 -3.54 -21.57 -3.03
CA TRP A 146 -3.71 -20.92 -4.34
C TRP A 146 -3.82 -19.42 -4.05
N ALA A 147 -3.01 -18.62 -4.75
CA ALA A 147 -3.03 -17.16 -4.57
C ALA A 147 -4.00 -16.52 -5.55
N ARG A 148 -4.65 -15.44 -5.13
CA ARG A 148 -5.56 -14.77 -6.05
C ARG A 148 -4.67 -14.14 -7.13
N PHE A 149 -5.09 -14.27 -8.38
CA PHE A 149 -4.34 -13.75 -9.52
C PHE A 149 -3.90 -12.29 -9.47
N PRO A 150 -2.66 -12.01 -9.89
CA PRO A 150 -2.13 -10.65 -9.91
C PRO A 150 -3.00 -9.80 -10.83
N ALA A 151 -2.95 -8.48 -10.66
CA ALA A 151 -3.77 -7.56 -11.44
C ALA A 151 -3.50 -7.56 -12.94
N ASN A 152 -2.42 -8.22 -13.37
CA ASN A 152 -2.09 -8.27 -14.80
C ASN A 152 -2.14 -9.71 -15.31
N VAL A 153 -2.87 -10.57 -14.60
CA VAL A 153 -3.00 -11.98 -14.98
C VAL A 153 -4.48 -12.26 -15.27
N MET A 154 -5.34 -11.83 -14.36
CA MET A 154 -6.78 -12.00 -14.54
C MET A 154 -7.36 -10.69 -14.00
N PRO A 155 -8.45 -10.20 -14.61
CA PRO A 155 -9.11 -8.96 -14.21
C PRO A 155 -9.89 -9.16 -12.91
N GLY A 156 -9.22 -8.97 -11.79
CA GLY A 156 -9.83 -9.15 -10.49
C GLY A 156 -10.88 -8.15 -10.06
N LYS A 157 -11.13 -7.13 -10.88
CA LYS A 157 -12.13 -6.11 -10.56
C LYS A 157 -13.44 -6.43 -11.28
N ALA A 158 -13.41 -7.45 -12.11
CA ALA A 158 -14.58 -7.87 -12.86
C ALA A 158 -15.00 -9.28 -12.46
N LYS A 159 -16.28 -9.57 -12.61
CA LYS A 159 -16.80 -10.91 -12.29
C LYS A 159 -16.78 -11.68 -13.61
N VAL A 160 -15.58 -12.02 -14.06
CA VAL A 160 -15.40 -12.76 -15.29
C VAL A 160 -15.36 -14.25 -15.00
N GLY A 161 -16.20 -15.01 -15.71
CA GLY A 161 -16.29 -16.44 -15.52
C GLY A 161 -14.99 -17.19 -15.27
N GLY A 162 -14.01 -16.98 -16.14
CA GLY A 162 -12.73 -17.66 -16.00
C GLY A 162 -12.04 -17.45 -14.67
N ASN A 163 -12.25 -16.28 -14.07
CA ASN A 163 -11.65 -15.95 -12.79
C ASN A 163 -11.98 -16.96 -11.70
N TYR A 164 -13.16 -17.56 -11.79
CA TYR A 164 -13.59 -18.47 -10.75
C TYR A 164 -13.03 -19.87 -10.71
N VAL A 165 -12.11 -20.17 -11.63
CA VAL A 165 -11.44 -21.46 -11.59
C VAL A 165 -10.54 -21.33 -10.35
N ASN A 166 -9.98 -20.13 -10.17
CA ASN A 166 -9.10 -19.82 -9.04
C ASN A 166 -9.92 -19.94 -7.75
N SER A 167 -11.13 -19.38 -7.75
CA SER A 167 -12.01 -19.44 -6.59
C SER A 167 -12.45 -20.87 -6.30
N ALA A 168 -12.78 -21.62 -7.35
CA ALA A 168 -13.21 -23.00 -7.21
C ALA A 168 -12.13 -23.84 -6.56
N LEU A 169 -10.89 -23.70 -7.05
CA LEU A 169 -9.77 -24.45 -6.51
C LEU A 169 -9.57 -24.16 -5.03
N ALA A 170 -9.63 -22.89 -4.65
CA ALA A 170 -9.46 -22.50 -3.25
C ALA A 170 -10.61 -23.02 -2.39
N LYS A 171 -11.84 -22.93 -2.90
CA LYS A 171 -12.99 -23.38 -2.13
C LYS A 171 -12.97 -24.89 -1.85
N MET A 172 -12.70 -25.70 -2.87
CA MET A 172 -12.65 -27.15 -2.70
C MET A 172 -11.59 -27.51 -1.67
N GLU A 173 -10.46 -26.82 -1.75
CA GLU A 173 -9.33 -27.05 -0.85
C GLU A 173 -9.72 -26.82 0.61
N ALA A 174 -10.36 -25.68 0.88
CA ALA A 174 -10.76 -25.33 2.24
C ALA A 174 -11.79 -26.32 2.78
N VAL A 175 -12.79 -26.65 1.98
CA VAL A 175 -13.83 -27.59 2.40
C VAL A 175 -13.21 -28.95 2.68
N ALA A 176 -12.27 -29.36 1.81
CA ALA A 176 -11.62 -30.64 1.99
C ALA A 176 -10.83 -30.66 3.30
N ALA A 177 -10.31 -29.50 3.69
CA ALA A 177 -9.53 -29.40 4.91
C ALA A 177 -10.40 -29.23 6.15
N GLY A 178 -11.71 -29.25 5.97
CA GLY A 178 -12.62 -29.12 7.09
C GLY A 178 -13.04 -27.70 7.46
N ALA A 179 -12.78 -26.75 6.57
CA ALA A 179 -13.16 -25.37 6.85
C ALA A 179 -14.41 -24.98 6.04
N ASP A 180 -14.99 -23.83 6.37
CA ASP A 180 -16.19 -23.34 5.70
C ASP A 180 -15.87 -22.59 4.41
N GLU A 181 -14.83 -21.77 4.46
CA GLU A 181 -14.45 -20.95 3.32
C GLU A 181 -12.93 -20.82 3.23
N ALA A 182 -12.45 -20.40 2.07
CA ALA A 182 -11.03 -20.22 1.85
C ALA A 182 -10.63 -18.75 1.92
N LEU A 183 -9.43 -18.51 2.43
CA LEU A 183 -8.88 -17.17 2.50
C LEU A 183 -7.69 -17.22 1.56
N LEU A 184 -7.69 -16.38 0.53
CA LEU A 184 -6.58 -16.38 -0.42
C LEU A 184 -5.63 -15.22 -0.19
N LEU A 185 -4.35 -15.46 -0.47
CA LEU A 185 -3.33 -14.42 -0.33
C LEU A 185 -2.99 -13.98 -1.76
N ASP A 186 -2.29 -12.86 -1.91
CA ASP A 186 -1.89 -12.46 -3.26
C ASP A 186 -0.53 -13.14 -3.47
N GLU A 187 0.06 -12.99 -4.65
CA GLU A 187 1.34 -13.63 -4.92
C GLU A 187 2.46 -13.13 -4.01
N GLU A 188 2.31 -11.92 -3.48
CA GLU A 188 3.33 -11.36 -2.60
C GLU A 188 3.23 -11.89 -1.16
N GLY A 189 2.12 -12.57 -0.84
CA GLY A 189 1.97 -13.12 0.49
C GLY A 189 0.99 -12.40 1.39
N TYR A 190 0.45 -11.27 0.93
CA TYR A 190 -0.52 -10.52 1.73
C TYR A 190 -1.92 -11.09 1.55
N VAL A 191 -2.78 -10.83 2.53
CA VAL A 191 -4.14 -11.28 2.48
C VAL A 191 -4.82 -10.58 1.31
N ALA A 192 -5.62 -11.32 0.56
CA ALA A 192 -6.35 -10.75 -0.58
C ALA A 192 -7.84 -10.76 -0.20
N GLU A 193 -8.49 -11.91 -0.38
CA GLU A 193 -9.91 -12.04 -0.02
C GLU A 193 -10.33 -13.50 -0.01
N GLY A 194 -11.58 -13.75 0.38
CA GLY A 194 -12.08 -15.12 0.40
C GLY A 194 -12.29 -15.60 -1.02
N SER A 195 -12.71 -16.85 -1.20
CA SER A 195 -12.92 -17.35 -2.55
C SER A 195 -13.96 -16.48 -3.26
N GLY A 196 -14.73 -15.75 -2.47
CA GLY A 196 -15.74 -14.87 -3.03
C GLY A 196 -16.29 -13.91 -1.99
N GLU A 197 -15.42 -13.41 -1.12
CA GLU A 197 -15.84 -12.49 -0.08
C GLU A 197 -14.75 -11.49 0.28
N ASN A 198 -15.12 -10.25 0.49
CA ASN A 198 -14.17 -9.21 0.88
C ASN A 198 -13.93 -9.37 2.38
N LEU A 199 -12.71 -9.08 2.81
CA LEU A 199 -12.36 -9.23 4.22
C LEU A 199 -12.23 -7.93 5.00
N PHE A 200 -12.54 -8.03 6.28
CA PHE A 200 -12.46 -6.93 7.25
C PHE A 200 -11.91 -7.54 8.53
N PHE A 201 -11.36 -6.70 9.40
CA PHE A 201 -10.91 -7.15 10.70
C PHE A 201 -10.98 -5.97 11.66
N VAL A 202 -11.18 -6.26 12.93
CA VAL A 202 -11.31 -5.22 13.95
C VAL A 202 -10.24 -5.38 15.02
N ARG A 203 -9.57 -4.29 15.36
CA ARG A 203 -8.53 -4.31 16.38
C ARG A 203 -8.58 -3.01 17.16
N ASP A 204 -8.65 -3.14 18.48
CA ASP A 204 -8.71 -2.00 19.39
C ASP A 204 -9.77 -0.96 18.99
N GLY A 205 -10.97 -1.43 18.69
CA GLY A 205 -12.06 -0.53 18.34
C GLY A 205 -12.10 0.02 16.93
N VAL A 206 -11.03 -0.15 16.17
CA VAL A 206 -10.99 0.35 14.81
C VAL A 206 -11.34 -0.75 13.80
N ILE A 207 -12.13 -0.40 12.80
CA ILE A 207 -12.50 -1.37 11.78
C ILE A 207 -11.55 -1.22 10.60
N TYR A 208 -10.94 -2.32 10.20
CA TYR A 208 -10.03 -2.30 9.07
C TYR A 208 -10.60 -3.00 7.85
N ALA A 209 -10.78 -2.22 6.78
CA ALA A 209 -11.28 -2.77 5.53
C ALA A 209 -10.02 -2.98 4.70
N LEU A 210 -9.89 -4.16 4.10
CA LEU A 210 -8.70 -4.42 3.30
C LEU A 210 -8.75 -3.61 2.03
N GLU A 211 -7.58 -3.18 1.56
CA GLU A 211 -7.51 -2.41 0.32
C GLU A 211 -8.04 -3.27 -0.81
N HIS A 212 -8.39 -2.65 -1.91
CA HIS A 212 -8.92 -3.38 -3.05
C HIS A 212 -7.88 -4.31 -3.67
N SER A 213 -6.61 -3.91 -3.64
CA SER A 213 -5.51 -4.67 -4.23
C SER A 213 -5.96 -5.47 -5.46
N VAL A 214 -5.96 -6.80 -5.36
CA VAL A 214 -6.38 -7.64 -6.49
C VAL A 214 -7.79 -8.17 -6.32
N ASN A 215 -8.47 -7.70 -5.28
CA ASN A 215 -9.83 -8.15 -4.97
C ASN A 215 -10.92 -7.43 -5.76
N LEU A 216 -12.12 -7.99 -5.71
CA LEU A 216 -13.25 -7.38 -6.39
C LEU A 216 -13.72 -6.24 -5.48
N GLU A 217 -14.14 -5.13 -6.07
CA GLU A 217 -14.63 -3.99 -5.29
C GLU A 217 -16.07 -4.31 -4.86
N GLY A 218 -16.20 -5.04 -3.75
CA GLY A 218 -17.50 -5.43 -3.26
C GLY A 218 -18.50 -4.34 -2.95
N ILE A 219 -19.75 -4.59 -3.34
CA ILE A 219 -20.84 -3.66 -3.10
C ILE A 219 -21.31 -3.84 -1.64
N THR A 220 -21.18 -5.05 -1.12
CA THR A 220 -21.56 -5.31 0.26
C THR A 220 -20.49 -4.65 1.13
N ARG A 221 -19.23 -4.76 0.69
CA ARG A 221 -18.12 -4.15 1.40
C ARG A 221 -18.38 -2.65 1.50
N ASP A 222 -18.74 -2.03 0.37
CA ASP A 222 -19.02 -0.60 0.33
C ASP A 222 -20.16 -0.25 1.31
N SER A 223 -21.19 -1.09 1.33
CA SER A 223 -22.34 -0.86 2.22
C SER A 223 -21.95 -0.94 3.69
N VAL A 224 -21.18 -1.96 4.05
CA VAL A 224 -20.76 -2.12 5.44
C VAL A 224 -19.86 -0.99 5.92
N ILE A 225 -19.05 -0.44 5.01
CA ILE A 225 -18.17 0.67 5.38
C ILE A 225 -19.00 1.93 5.67
N ARG A 226 -19.99 2.19 4.81
CA ARG A 226 -20.88 3.35 4.99
C ARG A 226 -21.63 3.21 6.30
N ILE A 227 -22.19 2.03 6.52
CA ILE A 227 -22.93 1.75 7.73
C ILE A 227 -22.05 1.94 8.96
N ALA A 228 -20.85 1.34 8.93
CA ALA A 228 -19.90 1.45 10.04
C ALA A 228 -19.61 2.90 10.40
N LYS A 229 -19.38 3.73 9.38
CA LYS A 229 -19.09 5.14 9.62
C LYS A 229 -20.30 5.87 10.19
N ASP A 230 -21.50 5.51 9.72
CA ASP A 230 -22.71 6.13 10.22
C ASP A 230 -22.91 5.77 11.70
N LEU A 231 -22.50 4.57 12.09
CA LEU A 231 -22.64 4.15 13.48
C LEU A 231 -21.59 4.81 14.36
N GLY A 232 -20.62 5.48 13.73
CA GLY A 232 -19.58 6.18 14.49
C GLY A 232 -18.24 5.48 14.60
N TYR A 233 -18.08 4.36 13.93
CA TYR A 233 -16.81 3.63 13.98
C TYR A 233 -15.77 4.28 13.08
N GLU A 234 -14.52 4.20 13.51
CA GLU A 234 -13.42 4.72 12.71
C GLU A 234 -13.09 3.57 11.76
N VAL A 235 -13.00 3.88 10.48
CA VAL A 235 -12.69 2.86 9.48
C VAL A 235 -11.42 3.23 8.73
N GLN A 236 -10.51 2.27 8.64
CA GLN A 236 -9.26 2.49 7.93
C GLN A 236 -9.15 1.43 6.84
N VAL A 237 -8.54 1.81 5.72
CA VAL A 237 -8.35 0.90 4.61
C VAL A 237 -6.86 0.59 4.62
N VAL A 238 -6.51 -0.68 4.75
CA VAL A 238 -5.10 -1.08 4.82
C VAL A 238 -4.81 -2.40 4.16
N ARG A 239 -3.53 -2.70 4.03
CA ARG A 239 -3.07 -3.96 3.48
C ARG A 239 -2.86 -4.80 4.74
N ALA A 240 -3.10 -6.11 4.65
CA ALA A 240 -2.96 -6.94 5.84
C ALA A 240 -2.30 -8.28 5.60
N THR A 241 -1.63 -8.77 6.64
CA THR A 241 -0.95 -10.06 6.61
C THR A 241 -1.80 -11.05 7.40
N ARG A 242 -1.58 -12.34 7.16
CA ARG A 242 -2.33 -13.38 7.84
C ARG A 242 -2.25 -13.25 9.37
N ASP A 243 -1.06 -12.98 9.92
CA ASP A 243 -0.95 -12.86 11.37
C ASP A 243 -1.57 -11.58 11.96
N GLN A 244 -1.85 -10.58 11.13
CA GLN A 244 -2.51 -9.39 11.64
C GLN A 244 -3.96 -9.82 11.91
N LEU A 245 -4.47 -10.75 11.11
CA LEU A 245 -5.82 -11.26 11.28
C LEU A 245 -5.86 -12.19 12.49
N TYR A 246 -4.83 -13.03 12.63
CA TYR A 246 -4.73 -13.98 13.74
C TYR A 246 -4.89 -13.28 15.09
N MET A 247 -4.37 -12.06 15.19
CA MET A 247 -4.46 -11.33 16.45
C MET A 247 -5.50 -10.23 16.49
N ALA A 248 -6.40 -10.23 15.50
CA ALA A 248 -7.47 -9.24 15.46
C ALA A 248 -8.53 -9.58 16.52
N ASP A 249 -9.32 -8.59 16.91
CA ASP A 249 -10.38 -8.84 17.88
C ASP A 249 -11.52 -9.53 17.16
N GLU A 250 -11.70 -9.15 15.89
CA GLU A 250 -12.75 -9.72 15.05
C GLU A 250 -12.31 -9.74 13.59
N VAL A 251 -12.94 -10.62 12.82
CA VAL A 251 -12.70 -10.73 11.40
C VAL A 251 -14.04 -11.15 10.80
N PHE A 252 -14.43 -10.52 9.70
CA PHE A 252 -15.68 -10.89 9.04
C PHE A 252 -15.61 -10.73 7.53
N MET A 253 -16.52 -11.42 6.84
CA MET A 253 -16.57 -11.41 5.37
C MET A 253 -17.87 -10.77 4.89
N THR A 254 -17.81 -10.20 3.69
CA THR A 254 -18.97 -9.57 3.07
C THR A 254 -19.11 -10.02 1.62
N GLY A 255 -20.35 -10.10 1.16
CA GLY A 255 -20.65 -10.49 -0.20
C GLY A 255 -22.16 -10.46 -0.33
N THR A 256 -22.68 -10.41 -1.55
CA THR A 256 -24.12 -10.37 -1.73
C THR A 256 -24.76 -11.63 -1.15
N ALA A 257 -24.21 -12.78 -1.49
CA ALA A 257 -24.71 -14.05 -0.98
C ALA A 257 -24.31 -14.21 0.48
N ALA A 258 -23.06 -13.89 0.78
CA ALA A 258 -22.55 -14.02 2.15
C ALA A 258 -23.06 -12.96 3.12
N GLU A 259 -23.56 -11.85 2.59
CA GLU A 259 -24.05 -10.76 3.44
C GLU A 259 -22.87 -10.35 4.33
N VAL A 260 -23.08 -10.34 5.65
CA VAL A 260 -22.00 -10.01 6.58
C VAL A 260 -21.82 -11.24 7.46
N THR A 261 -20.73 -11.97 7.23
CA THR A 261 -20.46 -13.20 7.98
C THR A 261 -19.23 -13.12 8.90
N PRO A 262 -19.45 -13.27 10.22
CA PRO A 262 -18.34 -13.22 11.17
C PRO A 262 -17.41 -14.42 10.95
N VAL A 263 -16.12 -14.23 11.21
CA VAL A 263 -15.15 -15.30 11.07
C VAL A 263 -14.56 -15.50 12.47
N SER A 264 -14.77 -16.70 13.02
CA SER A 264 -14.30 -17.01 14.37
C SER A 264 -12.97 -17.76 14.45
N MET A 265 -12.52 -18.30 13.32
CA MET A 265 -11.27 -19.04 13.29
C MET A 265 -10.61 -19.04 11.92
N ILE A 266 -9.29 -18.94 11.91
CA ILE A 266 -8.52 -18.97 10.68
C ILE A 266 -7.32 -19.88 10.91
N ASP A 267 -7.15 -20.86 10.03
CA ASP A 267 -6.04 -21.81 10.15
C ASP A 267 -5.98 -22.41 11.55
N TRP A 268 -7.14 -22.79 12.07
CA TRP A 268 -7.26 -23.41 13.38
C TRP A 268 -6.81 -22.54 14.54
N ARG A 269 -6.73 -21.23 14.30
CA ARG A 269 -6.35 -20.27 15.33
C ARG A 269 -7.58 -19.42 15.58
N PRO A 270 -8.13 -19.47 16.80
CA PRO A 270 -9.32 -18.69 17.14
C PRO A 270 -9.10 -17.20 17.03
N ILE A 271 -10.13 -16.50 16.57
CA ILE A 271 -10.06 -15.05 16.44
C ILE A 271 -10.73 -14.45 17.66
N GLY A 272 -9.99 -13.66 18.43
CA GLY A 272 -10.53 -13.05 19.62
C GLY A 272 -11.14 -14.10 20.55
N LYS A 273 -12.41 -13.89 20.92
CA LYS A 273 -13.09 -14.82 21.83
C LYS A 273 -13.39 -16.18 21.19
N GLY A 274 -13.23 -16.28 19.87
CA GLY A 274 -13.49 -17.55 19.21
C GLY A 274 -14.92 -17.71 18.74
N THR A 275 -15.68 -16.63 18.74
CA THR A 275 -17.07 -16.64 18.28
C THR A 275 -17.34 -15.30 17.59
N ALA A 276 -18.51 -15.16 16.97
CA ALA A 276 -18.85 -13.92 16.29
C ALA A 276 -18.69 -12.77 17.27
N GLY A 277 -18.10 -11.67 16.81
CA GLY A 277 -17.89 -10.52 17.67
C GLY A 277 -19.01 -9.51 17.57
N PRO A 278 -19.11 -8.58 18.54
CA PRO A 278 -20.16 -7.55 18.57
C PRO A 278 -20.18 -6.58 17.39
N VAL A 279 -19.01 -6.16 16.92
CA VAL A 279 -18.95 -5.23 15.80
C VAL A 279 -19.52 -5.85 14.52
N ALA A 280 -19.05 -7.04 14.17
CA ALA A 280 -19.54 -7.71 12.97
C ALA A 280 -21.06 -7.91 13.06
N LEU A 281 -21.53 -8.28 14.23
CA LEU A 281 -22.96 -8.51 14.45
C LEU A 281 -23.79 -7.23 14.28
N ARG A 282 -23.29 -6.10 14.78
CA ARG A 282 -24.01 -4.85 14.64
C ARG A 282 -24.07 -4.49 13.16
N LEU A 283 -22.92 -4.58 12.48
CA LEU A 283 -22.88 -4.27 11.06
C LEU A 283 -23.86 -5.15 10.30
N ARG A 284 -23.85 -6.45 10.63
CA ARG A 284 -24.75 -7.38 9.97
C ARG A 284 -26.21 -7.00 10.22
N GLU A 285 -26.55 -6.70 11.47
CA GLU A 285 -27.91 -6.32 11.83
C GLU A 285 -28.39 -5.07 11.10
N VAL A 286 -27.56 -4.03 11.05
CA VAL A 286 -27.94 -2.80 10.36
C VAL A 286 -28.07 -3.02 8.86
N TYR A 287 -27.25 -3.92 8.32
CA TYR A 287 -27.31 -4.23 6.90
C TYR A 287 -28.60 -4.93 6.53
N LEU A 288 -29.02 -5.89 7.35
CA LEU A 288 -30.25 -6.62 7.08
C LEU A 288 -31.46 -5.71 7.28
N GLU A 289 -31.31 -4.69 8.11
CA GLU A 289 -32.40 -3.75 8.32
C GLU A 289 -32.50 -2.87 7.08
N ALA A 290 -31.33 -2.50 6.54
CA ALA A 290 -31.27 -1.66 5.36
C ALA A 290 -31.86 -2.34 4.13
N VAL A 291 -31.47 -3.58 3.89
CA VAL A 291 -31.96 -4.31 2.72
C VAL A 291 -33.44 -4.69 2.82
N THR A 292 -34.00 -4.66 4.03
CA THR A 292 -35.41 -5.00 4.21
C THR A 292 -36.30 -3.78 4.35
N GLY A 293 -35.79 -2.63 3.93
CA GLY A 293 -36.55 -1.39 4.00
C GLY A 293 -36.87 -0.86 5.39
N ARG A 294 -36.05 -1.20 6.37
CA ARG A 294 -36.29 -0.73 7.74
C ARG A 294 -35.36 0.41 8.15
N ARG A 295 -34.65 0.99 7.19
CA ARG A 295 -33.74 2.11 7.44
C ARG A 295 -34.02 3.20 6.39
N PRO A 296 -34.75 4.25 6.78
CA PRO A 296 -35.09 5.35 5.87
C PRO A 296 -33.86 5.97 5.20
N GLU A 297 -32.78 6.13 5.96
CA GLU A 297 -31.56 6.73 5.44
C GLU A 297 -30.89 5.91 4.33
N TYR A 298 -31.28 4.65 4.19
CA TYR A 298 -30.70 3.78 3.16
C TYR A 298 -31.71 3.35 2.11
N GLU A 299 -32.84 4.04 2.05
CA GLU A 299 -33.87 3.72 1.08
C GLU A 299 -33.40 3.87 -0.36
N GLY A 300 -32.50 4.82 -0.60
CA GLY A 300 -32.00 5.02 -1.95
C GLY A 300 -31.33 3.79 -2.54
N TRP A 301 -30.95 2.84 -1.69
CA TRP A 301 -30.31 1.60 -2.15
C TRP A 301 -31.30 0.55 -2.61
N LEU A 302 -32.58 0.75 -2.33
CA LEU A 302 -33.60 -0.22 -2.70
C LEU A 302 -34.44 0.12 -3.92
N THR A 303 -34.80 -0.93 -4.66
CA THR A 303 -35.63 -0.79 -5.86
C THR A 303 -36.80 -1.74 -5.66
N TYR A 304 -37.95 -1.19 -5.32
CA TYR A 304 -39.13 -2.03 -5.09
C TYR A 304 -39.67 -2.58 -6.41
N VAL A 305 -39.90 -3.89 -6.42
CA VAL A 305 -40.37 -4.61 -7.58
C VAL A 305 -41.84 -4.36 -7.93
N ASN A 306 -42.69 -4.28 -6.92
CA ASN A 306 -44.10 -4.02 -7.15
C ASN A 306 -44.42 -2.59 -6.78
N ILE B 3 25.92 -12.43 30.56
CA ILE B 3 24.79 -11.56 31.03
C ILE B 3 24.53 -11.74 32.52
N LYS B 4 24.44 -10.62 33.24
CA LYS B 4 24.20 -10.64 34.68
C LYS B 4 22.72 -10.40 34.93
N ALA B 5 21.94 -11.47 34.91
CA ALA B 5 20.50 -11.38 35.11
C ALA B 5 20.10 -11.58 36.56
N GLY B 6 20.88 -12.40 37.27
CA GLY B 6 20.56 -12.66 38.67
C GLY B 6 19.43 -13.67 38.80
N LEU B 7 18.42 -13.34 39.58
CA LEU B 7 17.29 -14.22 39.77
C LEU B 7 16.39 -14.22 38.53
N ILE B 8 16.11 -15.42 38.01
CA ILE B 8 15.29 -15.58 36.82
C ILE B 8 14.03 -16.40 37.09
N TRP B 9 12.89 -15.88 36.64
CA TRP B 9 11.61 -16.56 36.80
C TRP B 9 11.57 -17.74 35.83
N MET B 10 11.48 -18.96 36.36
CA MET B 10 11.43 -20.15 35.53
C MET B 10 10.14 -20.94 35.76
N ASN B 11 9.22 -20.85 34.81
CA ASN B 11 7.96 -21.58 34.89
C ASN B 11 7.27 -21.54 36.26
N GLY B 12 7.08 -20.34 36.81
CA GLY B 12 6.39 -20.23 38.08
C GLY B 12 7.20 -19.97 39.33
N ALA B 13 8.52 -19.97 39.25
CA ALA B 13 9.34 -19.73 40.43
C ALA B 13 10.70 -19.14 40.07
N PHE B 14 11.20 -18.26 40.92
CA PHE B 14 12.51 -17.65 40.69
C PHE B 14 13.63 -18.56 41.13
N VAL B 15 14.73 -18.53 40.38
CA VAL B 15 15.89 -19.35 40.70
C VAL B 15 17.14 -18.58 40.29
N PRO B 16 18.30 -18.97 40.82
CA PRO B 16 19.54 -18.28 40.46
C PRO B 16 19.79 -18.49 38.97
N GLN B 17 20.46 -17.53 38.34
CA GLN B 17 20.75 -17.61 36.92
C GLN B 17 21.34 -18.98 36.55
N GLU B 18 22.30 -19.43 37.35
CA GLU B 18 22.98 -20.71 37.17
C GLU B 18 22.03 -21.90 37.02
N GLU B 19 20.83 -21.79 37.57
CA GLU B 19 19.86 -22.88 37.47
C GLU B 19 18.89 -22.62 36.33
N ALA B 20 18.90 -21.40 35.80
CA ALA B 20 18.01 -21.03 34.70
C ALA B 20 18.57 -21.57 33.38
N LYS B 21 18.51 -22.90 33.24
CA LYS B 21 19.00 -23.56 32.04
C LYS B 21 17.94 -24.51 31.50
N THR B 22 18.13 -24.96 30.26
CA THR B 22 17.18 -25.86 29.64
C THR B 22 17.92 -26.89 28.79
N SER B 23 17.28 -28.02 28.52
CA SER B 23 17.88 -29.09 27.73
C SER B 23 18.36 -28.62 26.35
N VAL B 24 19.50 -29.13 25.92
CA VAL B 24 20.04 -28.78 24.61
C VAL B 24 19.28 -29.55 23.54
N LEU B 25 18.27 -30.30 23.98
CA LEU B 25 17.43 -31.06 23.06
C LEU B 25 16.09 -30.35 22.93
N SER B 26 16.01 -29.15 23.50
CA SER B 26 14.79 -28.36 23.42
C SER B 26 14.50 -28.00 21.96
N HIS B 27 13.25 -28.22 21.57
CA HIS B 27 12.79 -27.94 20.22
C HIS B 27 13.23 -26.56 19.69
N ALA B 28 13.04 -25.52 20.52
CA ALA B 28 13.38 -24.16 20.14
C ALA B 28 14.86 -23.90 19.86
N LEU B 29 15.74 -24.70 20.44
CA LEU B 29 17.16 -24.52 20.23
C LEU B 29 17.55 -25.10 18.87
N HIS B 30 16.73 -26.02 18.37
CA HIS B 30 16.99 -26.66 17.08
C HIS B 30 16.20 -26.07 15.92
N TYR B 31 15.00 -25.56 16.21
CA TYR B 31 14.13 -25.05 15.15
C TYR B 31 13.60 -23.62 15.28
N GLY B 32 14.19 -22.83 16.17
CA GLY B 32 13.76 -21.45 16.34
C GLY B 32 12.34 -21.26 16.85
N THR B 33 11.76 -22.32 17.39
CA THR B 33 10.39 -22.27 17.89
C THR B 33 10.20 -21.62 19.26
N SER B 34 10.43 -20.31 19.33
CA SER B 34 10.26 -19.58 20.57
C SER B 34 9.67 -18.21 20.27
N VAL B 35 9.18 -17.54 21.31
CA VAL B 35 8.63 -16.21 21.19
C VAL B 35 9.19 -15.43 22.37
N PHE B 36 9.38 -14.13 22.19
CA PHE B 36 9.92 -13.31 23.27
C PHE B 36 9.41 -11.88 23.18
N GLU B 37 9.74 -11.09 24.19
CA GLU B 37 9.37 -9.69 24.22
C GLU B 37 10.54 -8.88 24.74
N GLY B 38 10.47 -7.57 24.50
CA GLY B 38 11.49 -6.66 24.96
C GLY B 38 10.73 -5.57 25.68
N ILE B 39 10.83 -5.56 27.00
CA ILE B 39 10.14 -4.58 27.83
C ILE B 39 11.16 -3.85 28.69
N ARG B 40 10.94 -2.55 28.91
CA ARG B 40 11.86 -1.79 29.74
C ARG B 40 11.23 -1.17 30.96
N ALA B 41 12.04 -1.07 32.01
CA ALA B 41 11.61 -0.43 33.24
C ALA B 41 12.53 0.77 33.34
N TYR B 42 11.94 1.96 33.48
CA TYR B 42 12.72 3.18 33.61
C TYR B 42 12.56 3.68 35.03
N GLU B 43 13.67 4.07 35.66
CA GLU B 43 13.62 4.58 37.01
C GLU B 43 12.96 5.95 37.05
N THR B 44 12.17 6.18 38.10
CA THR B 44 11.50 7.47 38.31
C THR B 44 11.74 7.78 39.77
N ALA B 45 11.35 8.97 40.21
CA ALA B 45 11.52 9.35 41.62
C ALA B 45 10.52 8.59 42.48
N LYS B 46 9.66 7.80 41.83
CA LYS B 46 8.67 7.00 42.53
C LYS B 46 8.98 5.52 42.30
N GLY B 47 10.23 5.24 41.94
CA GLY B 47 10.63 3.86 41.70
C GLY B 47 10.55 3.49 40.23
N PRO B 48 10.97 2.26 39.87
CA PRO B 48 10.94 1.80 38.48
C PRO B 48 9.54 1.74 37.89
N ALA B 49 9.41 2.18 36.65
CA ALA B 49 8.12 2.16 35.95
C ALA B 49 8.31 1.39 34.64
N ILE B 50 7.47 0.38 34.43
CA ILE B 50 7.53 -0.44 33.22
C ILE B 50 6.68 0.20 32.12
N PHE B 51 7.26 0.35 30.93
CA PHE B 51 6.55 0.99 29.82
C PHE B 51 5.62 0.08 29.03
N ARG B 52 4.34 0.46 29.02
CA ARG B 52 3.29 -0.27 28.31
C ARG B 52 3.39 -1.78 28.47
N LEU B 53 3.34 -2.22 29.73
CA LEU B 53 3.44 -3.64 30.08
C LEU B 53 2.37 -4.53 29.46
N LYS B 54 1.11 -4.15 29.60
CA LYS B 54 0.04 -4.97 29.06
C LYS B 54 0.07 -5.11 27.54
N GLU B 55 0.47 -4.03 26.86
CA GLU B 55 0.55 -4.07 25.41
C GLU B 55 1.63 -5.07 24.99
N HIS B 56 2.74 -5.08 25.73
CA HIS B 56 3.83 -6.00 25.43
C HIS B 56 3.41 -7.43 25.75
N VAL B 57 2.69 -7.60 26.87
CA VAL B 57 2.25 -8.93 27.27
C VAL B 57 1.22 -9.47 26.28
N LYS B 58 0.35 -8.60 25.78
CA LYS B 58 -0.64 -9.05 24.81
C LYS B 58 0.07 -9.58 23.56
N ARG B 59 1.11 -8.87 23.14
CA ARG B 59 1.86 -9.29 21.96
C ARG B 59 2.57 -10.62 22.20
N PHE B 60 3.12 -10.78 23.40
CA PHE B 60 3.81 -12.02 23.76
C PHE B 60 2.84 -13.17 23.49
N TYR B 61 1.61 -13.05 24.00
CA TYR B 61 0.62 -14.09 23.79
C TYR B 61 0.19 -14.18 22.33
N ASN B 62 0.12 -13.04 21.64
CA ASN B 62 -0.25 -13.04 20.24
C ASN B 62 0.81 -13.80 19.42
N SER B 63 2.08 -13.59 19.75
CA SER B 63 3.16 -14.28 19.04
C SER B 63 3.02 -15.78 19.25
N ALA B 64 2.64 -16.17 20.47
CA ALA B 64 2.47 -17.58 20.79
C ALA B 64 1.33 -18.20 19.97
N LYS B 65 0.27 -17.44 19.75
CA LYS B 65 -0.86 -17.95 18.97
C LYS B 65 -0.42 -18.25 17.54
N VAL B 66 0.47 -17.43 17.00
CA VAL B 66 0.94 -17.66 15.64
C VAL B 66 1.60 -19.04 15.53
N LEU B 67 2.43 -19.41 16.49
CA LEU B 67 3.10 -20.71 16.48
C LEU B 67 2.21 -21.80 17.05
N ARG B 68 1.01 -21.43 17.47
CA ARG B 68 0.08 -22.37 18.07
C ARG B 68 0.73 -22.93 19.32
N MET B 69 1.56 -22.09 19.94
CA MET B 69 2.27 -22.41 21.16
C MET B 69 1.38 -22.12 22.36
N GLU B 70 1.30 -23.07 23.30
CA GLU B 70 0.48 -22.86 24.48
C GLU B 70 1.29 -22.36 25.68
N ILE B 71 0.93 -21.19 26.17
CA ILE B 71 1.59 -20.60 27.33
C ILE B 71 0.73 -20.93 28.55
N PRO B 72 1.20 -21.88 29.38
CA PRO B 72 0.51 -22.35 30.59
C PRO B 72 0.43 -21.40 31.79
N PHE B 73 0.23 -20.12 31.51
CA PHE B 73 0.10 -19.11 32.55
C PHE B 73 -0.85 -18.03 32.08
N ALA B 74 -1.63 -17.49 33.01
CA ALA B 74 -2.56 -16.42 32.67
C ALA B 74 -1.74 -15.16 32.47
N PRO B 75 -2.19 -14.26 31.60
CA PRO B 75 -1.46 -13.02 31.35
C PRO B 75 -1.11 -12.29 32.66
N GLU B 76 -2.03 -12.35 33.62
CA GLU B 76 -1.84 -11.70 34.92
C GLU B 76 -0.65 -12.31 35.68
N GLU B 77 -0.46 -13.62 35.56
CA GLU B 77 0.66 -14.27 36.23
C GLU B 77 1.96 -13.71 35.62
N LEU B 78 2.02 -13.67 34.30
CA LEU B 78 3.21 -13.17 33.61
C LEU B 78 3.52 -11.73 34.00
N GLU B 79 2.49 -10.90 34.07
CA GLU B 79 2.67 -9.50 34.45
C GLU B 79 3.25 -9.41 35.85
N GLU B 80 2.80 -10.27 36.75
CA GLU B 80 3.30 -10.27 38.12
C GLU B 80 4.76 -10.70 38.11
N ALA B 81 5.07 -11.72 37.30
CA ALA B 81 6.44 -12.21 37.18
C ALA B 81 7.36 -11.10 36.69
N ILE B 82 6.88 -10.34 35.71
CA ILE B 82 7.65 -9.24 35.15
C ILE B 82 7.93 -8.14 36.17
N LYS B 83 6.95 -7.85 37.02
CA LYS B 83 7.13 -6.84 38.06
C LYS B 83 8.12 -7.34 39.10
N GLU B 84 7.98 -8.61 39.47
CA GLU B 84 8.85 -9.21 40.46
C GLU B 84 10.30 -9.39 40.04
N VAL B 85 10.56 -9.70 38.78
CA VAL B 85 11.95 -9.88 38.35
C VAL B 85 12.70 -8.58 38.61
N VAL B 86 11.99 -7.45 38.52
CA VAL B 86 12.59 -6.15 38.76
C VAL B 86 12.84 -5.96 40.27
N ARG B 87 11.81 -6.21 41.08
CA ARG B 87 11.90 -6.05 42.53
C ARG B 87 12.92 -6.98 43.18
N ARG B 88 12.80 -8.27 42.90
CA ARG B 88 13.68 -9.26 43.50
C ARG B 88 15.16 -9.08 43.20
N ASN B 89 15.48 -8.45 42.09
CA ASN B 89 16.89 -8.22 41.74
C ASN B 89 17.32 -6.82 42.17
N GLY B 90 16.40 -6.08 42.78
CA GLY B 90 16.70 -4.74 43.24
C GLY B 90 17.04 -3.78 42.11
N TYR B 91 16.53 -4.08 40.91
CA TYR B 91 16.79 -3.24 39.75
C TYR B 91 16.01 -1.94 39.80
N ARG B 92 16.56 -0.93 39.11
CA ARG B 92 15.90 0.35 38.99
C ARG B 92 15.52 0.35 37.51
N SER B 93 16.38 0.89 36.66
CA SER B 93 16.11 0.85 35.22
C SER B 93 16.66 -0.50 34.76
N CYS B 94 15.97 -1.16 33.84
CA CYS B 94 16.43 -2.44 33.34
C CYS B 94 15.67 -2.91 32.11
N TYR B 95 16.26 -3.86 31.39
CA TYR B 95 15.64 -4.44 30.20
C TYR B 95 15.04 -5.77 30.64
N ILE B 96 13.78 -6.00 30.28
CA ILE B 96 13.09 -7.23 30.65
C ILE B 96 12.87 -8.11 29.43
N ARG B 97 13.22 -9.40 29.55
CA ARG B 97 13.08 -10.33 28.45
C ARG B 97 12.28 -11.58 28.75
N PRO B 98 10.97 -11.55 28.44
CA PRO B 98 10.11 -12.72 28.67
C PRO B 98 10.42 -13.66 27.51
N LEU B 99 10.37 -14.97 27.74
CA LEU B 99 10.63 -15.94 26.67
C LEU B 99 9.86 -17.22 26.90
N ALA B 100 9.23 -17.72 25.83
CA ALA B 100 8.48 -18.97 25.88
C ALA B 100 9.05 -19.80 24.75
N TRP B 101 9.47 -21.03 25.05
CA TRP B 101 10.06 -21.89 24.04
C TRP B 101 9.59 -23.34 24.15
N MET B 102 9.57 -24.03 23.02
CA MET B 102 9.15 -25.42 23.02
C MET B 102 10.29 -26.24 23.61
N GLY B 103 9.94 -27.12 24.55
CA GLY B 103 10.91 -27.95 25.23
C GLY B 103 11.46 -29.15 24.48
N ALA B 104 11.98 -30.11 25.26
CA ALA B 104 12.61 -31.31 24.70
C ALA B 104 11.77 -32.59 24.67
N LYS B 105 10.46 -32.48 24.55
CA LYS B 105 9.63 -33.69 24.51
C LYS B 105 9.95 -34.55 23.28
N ALA B 106 10.09 -33.89 22.13
CA ALA B 106 10.37 -34.59 20.88
C ALA B 106 11.05 -33.62 19.92
N LEU B 107 11.72 -34.14 18.90
CA LEU B 107 12.40 -33.27 17.94
C LEU B 107 11.97 -33.35 16.47
N GLY B 108 10.67 -33.55 16.24
CA GLY B 108 10.15 -33.55 14.89
C GLY B 108 9.90 -32.06 14.66
N VAL B 109 9.82 -31.59 13.42
CA VAL B 109 9.59 -30.16 13.19
C VAL B 109 8.29 -29.66 13.79
N ASN B 110 7.27 -30.51 13.76
CA ASN B 110 5.98 -30.13 14.32
C ASN B 110 6.20 -29.92 15.82
N PRO B 111 5.96 -28.69 16.30
CA PRO B 111 6.15 -28.38 17.73
C PRO B 111 4.95 -28.71 18.64
N LEU B 112 3.80 -28.98 18.05
CA LEU B 112 2.60 -29.26 18.85
C LEU B 112 2.79 -30.34 19.91
N PRO B 113 3.47 -31.44 19.58
CA PRO B 113 3.68 -32.50 20.58
C PRO B 113 4.46 -32.01 21.80
N ASN B 114 5.11 -30.86 21.66
CA ASN B 114 5.91 -30.31 22.76
C ASN B 114 5.16 -29.38 23.71
N ASN B 115 3.91 -29.05 23.39
CA ASN B 115 3.13 -28.18 24.26
C ASN B 115 2.90 -28.87 25.60
N PRO B 116 2.74 -28.09 26.70
CA PRO B 116 2.76 -26.63 26.70
C PRO B 116 4.20 -26.14 26.68
N ALA B 117 4.38 -24.89 26.27
CA ALA B 117 5.72 -24.32 26.19
C ALA B 117 6.26 -23.98 27.57
N GLU B 118 7.58 -23.87 27.66
CA GLU B 118 8.20 -23.48 28.90
C GLU B 118 8.30 -21.96 28.84
N VAL B 119 8.24 -21.30 30.00
CA VAL B 119 8.30 -19.84 30.02
C VAL B 119 9.28 -19.35 31.06
N MET B 120 9.94 -18.24 30.77
CA MET B 120 10.87 -17.66 31.72
C MET B 120 10.90 -16.16 31.51
N VAL B 121 11.26 -15.43 32.56
CA VAL B 121 11.35 -13.99 32.51
C VAL B 121 12.64 -13.61 33.20
N ALA B 122 13.54 -13.01 32.43
CA ALA B 122 14.82 -12.56 32.94
C ALA B 122 14.91 -11.05 32.73
N ALA B 123 15.78 -10.41 33.49
CA ALA B 123 15.97 -8.97 33.39
C ALA B 123 17.40 -8.64 33.78
N TRP B 124 17.96 -7.61 33.15
CA TRP B 124 19.31 -7.20 33.45
C TRP B 124 19.49 -5.72 33.18
N GLU B 125 20.53 -5.14 33.76
CA GLU B 125 20.81 -3.72 33.62
C GLU B 125 21.66 -3.37 32.41
N TRP B 126 21.61 -2.09 32.02
CA TRP B 126 22.38 -1.62 30.88
C TRP B 126 23.81 -1.32 31.31
N GLY B 127 24.76 -1.62 30.43
CA GLY B 127 26.15 -1.35 30.72
C GLY B 127 26.49 0.08 30.38
N ALA B 128 25.87 0.61 29.33
CA ALA B 128 26.12 1.97 28.90
C ALA B 128 24.96 2.55 28.09
N TYR B 129 24.94 3.87 27.98
CA TYR B 129 23.90 4.57 27.23
C TYR B 129 24.55 5.55 26.26
N LEU B 130 23.87 5.81 25.14
CA LEU B 130 24.38 6.77 24.17
C LEU B 130 24.20 8.15 24.76
N GLY B 131 25.20 9.00 24.60
CA GLY B 131 25.09 10.36 25.11
C GLY B 131 24.43 11.20 24.05
N GLU B 132 24.13 12.46 24.37
CA GLU B 132 23.50 13.34 23.41
C GLU B 132 24.38 13.60 22.19
N GLU B 133 25.70 13.58 22.37
CA GLU B 133 26.62 13.81 21.27
C GLU B 133 26.46 12.74 20.19
N ALA B 134 26.39 11.48 20.64
CA ALA B 134 26.23 10.35 19.73
C ALA B 134 24.86 10.41 19.08
N VAL B 135 23.84 10.72 19.87
CA VAL B 135 22.48 10.82 19.36
C VAL B 135 22.45 11.86 18.23
N ARG B 136 23.08 13.00 18.48
CA ARG B 136 23.11 14.09 17.51
C ARG B 136 23.86 13.70 16.24
N LYS B 137 24.95 12.96 16.36
CA LYS B 137 25.70 12.54 15.17
C LYS B 137 24.80 11.68 14.30
N GLY B 138 23.94 10.90 14.96
CA GLY B 138 23.01 10.04 14.24
C GLY B 138 23.55 8.69 13.86
N ALA B 139 22.63 7.76 13.59
CA ALA B 139 22.99 6.42 13.20
C ALA B 139 23.24 6.35 11.69
N ARG B 140 24.18 5.50 11.29
CA ARG B 140 24.47 5.33 9.88
C ARG B 140 23.95 3.96 9.48
N LEU B 141 23.09 3.95 8.47
CA LEU B 141 22.49 2.72 7.97
C LEU B 141 23.05 2.32 6.63
N ILE B 142 22.87 1.05 6.30
CA ILE B 142 23.29 0.51 5.03
C ILE B 142 22.14 -0.43 4.67
N THR B 143 21.68 -0.36 3.42
CA THR B 143 20.59 -1.22 3.00
C THR B 143 21.13 -2.63 2.86
N SER B 144 20.45 -3.58 3.49
CA SER B 144 20.86 -4.97 3.48
C SER B 144 20.61 -5.71 2.17
N SER B 145 21.42 -6.73 1.92
CA SER B 145 21.27 -7.56 0.73
C SER B 145 20.33 -8.70 1.11
N TRP B 146 19.83 -8.67 2.34
CA TRP B 146 18.88 -9.67 2.81
C TRP B 146 17.53 -8.95 2.93
N ALA B 147 16.48 -9.52 2.34
CA ALA B 147 15.17 -8.89 2.39
C ALA B 147 14.36 -9.42 3.57
N ARG B 148 13.51 -8.57 4.16
CA ARG B 148 12.71 -9.04 5.27
C ARG B 148 11.70 -10.01 4.66
N PHE B 149 11.48 -11.11 5.36
CA PHE B 149 10.58 -12.16 4.90
C PHE B 149 9.17 -11.74 4.52
N PRO B 150 8.66 -12.28 3.41
CA PRO B 150 7.31 -11.98 2.93
C PRO B 150 6.33 -12.45 4.01
N ALA B 151 5.12 -11.92 3.99
CA ALA B 151 4.11 -12.25 5.00
C ALA B 151 3.61 -13.69 5.03
N ASN B 152 4.01 -14.50 4.04
CA ASN B 152 3.61 -15.89 4.01
C ASN B 152 4.83 -16.83 4.06
N VAL B 153 5.93 -16.32 4.64
CA VAL B 153 7.17 -17.10 4.77
C VAL B 153 7.54 -17.22 6.25
N MET B 154 7.54 -16.09 6.95
CA MET B 154 7.82 -16.04 8.37
C MET B 154 6.82 -15.02 8.92
N PRO B 155 6.25 -15.28 10.12
CA PRO B 155 5.27 -14.38 10.75
C PRO B 155 5.90 -13.08 11.23
N GLY B 156 5.90 -12.09 10.33
CA GLY B 156 6.51 -10.80 10.63
C GLY B 156 5.86 -9.93 11.70
N LYS B 157 4.66 -10.28 12.13
CA LYS B 157 3.97 -9.50 13.16
C LYS B 157 4.26 -10.11 14.53
N ALA B 158 4.92 -11.26 14.53
CA ALA B 158 5.24 -11.95 15.76
C ALA B 158 6.73 -11.92 16.07
N LYS B 159 7.07 -11.88 17.34
CA LYS B 159 8.46 -11.88 17.76
C LYS B 159 8.84 -13.36 17.98
N VAL B 160 8.96 -14.07 16.86
CA VAL B 160 9.32 -15.48 16.87
C VAL B 160 10.83 -15.62 16.68
N GLY B 161 11.48 -16.37 17.57
CA GLY B 161 12.91 -16.56 17.51
C GLY B 161 13.53 -16.80 16.15
N GLY B 162 13.01 -17.80 15.42
CA GLY B 162 13.53 -18.12 14.10
C GLY B 162 13.61 -16.93 13.15
N ASN B 163 12.70 -15.98 13.30
CA ASN B 163 12.68 -14.78 12.46
C ASN B 163 13.99 -14.01 12.50
N TYR B 164 14.61 -13.98 13.67
CA TYR B 164 15.82 -13.21 13.87
C TYR B 164 17.11 -13.69 13.22
N VAL B 165 17.04 -14.79 12.48
CA VAL B 165 18.19 -15.27 11.74
C VAL B 165 18.33 -14.24 10.62
N ASN B 166 17.18 -13.77 10.14
CA ASN B 166 17.12 -12.78 9.07
C ASN B 166 17.71 -11.46 9.62
N SER B 167 17.27 -11.08 10.81
CA SER B 167 17.78 -9.86 11.44
C SER B 167 19.28 -9.97 11.71
N ALA B 168 19.71 -11.13 12.19
CA ALA B 168 21.12 -11.36 12.50
C ALA B 168 21.99 -11.22 11.24
N LEU B 169 21.58 -11.86 10.15
CA LEU B 169 22.34 -11.79 8.91
C LEU B 169 22.51 -10.35 8.44
N ALA B 170 21.42 -9.59 8.47
CA ALA B 170 21.44 -8.19 8.03
C ALA B 170 22.30 -7.32 8.96
N LYS B 171 22.18 -7.53 10.27
CA LYS B 171 22.95 -6.75 11.23
C LYS B 171 24.45 -6.96 11.08
N MET B 172 24.87 -8.23 10.96
CA MET B 172 26.29 -8.53 10.78
C MET B 172 26.78 -7.86 9.50
N GLU B 173 25.95 -7.92 8.46
CA GLU B 173 26.31 -7.33 7.17
C GLU B 173 26.54 -5.84 7.30
N ALA B 174 25.63 -5.15 7.97
CA ALA B 174 25.73 -3.71 8.18
C ALA B 174 26.99 -3.37 8.96
N VAL B 175 27.24 -4.09 10.05
CA VAL B 175 28.41 -3.84 10.87
C VAL B 175 29.70 -4.06 10.08
N ALA B 176 29.78 -5.18 9.36
CA ALA B 176 30.96 -5.49 8.56
C ALA B 176 31.20 -4.42 7.53
N ALA B 177 30.13 -3.77 7.07
CA ALA B 177 30.24 -2.73 6.06
C ALA B 177 30.67 -1.40 6.67
N GLY B 178 30.67 -1.33 8.00
CA GLY B 178 31.08 -0.11 8.67
C GLY B 178 29.93 0.78 9.09
N ALA B 179 28.71 0.24 9.08
CA ALA B 179 27.54 1.01 9.47
C ALA B 179 27.11 0.64 10.89
N ASP B 180 26.10 1.33 11.40
CA ASP B 180 25.60 1.08 12.75
C ASP B 180 24.45 0.09 12.77
N GLU B 181 23.61 0.17 11.74
CA GLU B 181 22.44 -0.70 11.65
C GLU B 181 22.09 -0.99 10.19
N ALA B 182 21.34 -2.06 9.97
CA ALA B 182 20.93 -2.44 8.63
C ALA B 182 19.52 -1.97 8.33
N LEU B 183 19.29 -1.65 7.07
CA LEU B 183 17.98 -1.25 6.61
C LEU B 183 17.55 -2.35 5.63
N LEU B 184 16.50 -3.08 5.97
CA LEU B 184 16.03 -4.14 5.09
C LEU B 184 14.88 -3.69 4.21
N LEU B 185 14.84 -4.21 2.99
CA LEU B 185 13.76 -3.90 2.05
C LEU B 185 12.94 -5.18 2.00
N ASP B 186 11.70 -5.10 1.49
CA ASP B 186 10.92 -6.32 1.37
C ASP B 186 11.35 -6.95 0.04
N GLU B 187 10.82 -8.12 -0.27
CA GLU B 187 11.20 -8.82 -1.50
C GLU B 187 10.85 -8.02 -2.75
N GLU B 188 9.87 -7.11 -2.65
CA GLU B 188 9.47 -6.30 -3.79
C GLU B 188 10.39 -5.11 -4.04
N GLY B 189 11.28 -4.82 -3.09
CA GLY B 189 12.20 -3.72 -3.26
C GLY B 189 11.91 -2.47 -2.45
N TYR B 190 10.81 -2.47 -1.70
CA TYR B 190 10.46 -1.34 -0.87
C TYR B 190 11.08 -1.43 0.51
N VAL B 191 11.21 -0.30 1.18
CA VAL B 191 11.77 -0.25 2.52
C VAL B 191 10.85 -0.97 3.49
N ALA B 192 11.42 -1.84 4.33
CA ALA B 192 10.63 -2.58 5.33
C ALA B 192 10.96 -1.97 6.70
N GLU B 193 12.07 -2.39 7.29
CA GLU B 193 12.49 -1.87 8.58
C GLU B 193 13.94 -2.23 8.87
N GLY B 194 14.42 -1.80 10.04
CA GLY B 194 15.78 -2.13 10.43
C GLY B 194 15.82 -3.57 10.91
N SER B 195 16.99 -4.08 11.27
CA SER B 195 17.08 -5.47 11.74
C SER B 195 16.14 -5.64 12.92
N GLY B 196 15.85 -4.55 13.60
CA GLY B 196 14.95 -4.59 14.74
C GLY B 196 14.44 -3.21 15.12
N GLU B 197 14.19 -2.37 14.12
CA GLU B 197 13.69 -1.01 14.37
C GLU B 197 12.71 -0.59 13.30
N ASN B 198 11.63 0.07 13.71
CA ASN B 198 10.64 0.58 12.75
C ASN B 198 11.20 1.90 12.25
N LEU B 199 10.89 2.24 11.00
CA LEU B 199 11.40 3.47 10.40
C LEU B 199 10.38 4.58 10.18
N PHE B 200 10.87 5.81 10.23
CA PHE B 200 10.08 7.03 10.01
C PHE B 200 10.98 7.95 9.19
N PHE B 201 10.37 8.91 8.51
CA PHE B 201 11.13 9.93 7.80
C PHE B 201 10.26 11.17 7.79
N VAL B 202 10.91 12.32 7.70
CA VAL B 202 10.21 13.60 7.72
C VAL B 202 10.53 14.33 6.41
N ARG B 203 9.51 14.92 5.81
CA ARG B 203 9.70 15.65 4.56
C ARG B 203 8.74 16.83 4.48
N ASP B 204 9.31 18.01 4.23
CA ASP B 204 8.54 19.23 4.11
C ASP B 204 7.51 19.38 5.22
N GLY B 205 7.97 19.29 6.47
CA GLY B 205 7.08 19.45 7.60
C GLY B 205 6.20 18.28 8.01
N VAL B 206 6.09 17.26 7.16
CA VAL B 206 5.25 16.12 7.50
C VAL B 206 6.04 14.91 7.97
N ILE B 207 5.53 14.25 9.00
CA ILE B 207 6.16 13.06 9.55
C ILE B 207 5.53 11.82 8.90
N TYR B 208 6.37 11.00 8.28
CA TYR B 208 5.89 9.79 7.62
C TYR B 208 6.28 8.53 8.37
N ALA B 209 5.28 7.78 8.80
CA ALA B 209 5.52 6.51 9.47
C ALA B 209 5.32 5.49 8.37
N LEU B 210 6.16 4.47 8.30
CA LEU B 210 6.00 3.48 7.24
C LEU B 210 4.85 2.53 7.57
N GLU B 211 4.19 2.04 6.53
CA GLU B 211 3.09 1.11 6.70
C GLU B 211 3.63 -0.15 7.40
N HIS B 212 2.74 -0.96 7.94
CA HIS B 212 3.16 -2.17 8.64
C HIS B 212 3.75 -3.22 7.70
N SER B 213 3.26 -3.27 6.47
CA SER B 213 3.70 -4.26 5.47
C SER B 213 4.15 -5.56 6.17
N VAL B 214 5.42 -5.93 6.04
CA VAL B 214 5.93 -7.15 6.68
C VAL B 214 6.66 -6.90 8.00
N ASN B 215 6.60 -5.66 8.48
CA ASN B 215 7.28 -5.31 9.72
C ASN B 215 6.49 -5.66 10.97
N LEU B 216 7.15 -5.57 12.11
CA LEU B 216 6.48 -5.83 13.38
C LEU B 216 5.79 -4.52 13.70
N GLU B 217 4.61 -4.59 14.30
CA GLU B 217 3.86 -3.39 14.68
C GLU B 217 4.48 -2.90 15.99
N GLY B 218 5.53 -2.10 15.88
CA GLY B 218 6.23 -1.59 17.05
C GLY B 218 5.41 -0.75 18.02
N ILE B 219 5.64 -0.99 19.30
CA ILE B 219 4.96 -0.25 20.35
C ILE B 219 5.62 1.12 20.49
N THR B 220 6.93 1.19 20.23
CA THR B 220 7.61 2.47 20.32
C THR B 220 7.13 3.30 19.13
N ARG B 221 6.93 2.63 17.99
CA ARG B 221 6.42 3.28 16.78
C ARG B 221 5.06 3.90 17.11
N ASP B 222 4.19 3.09 17.71
CA ASP B 222 2.86 3.54 18.10
C ASP B 222 2.95 4.73 19.05
N SER B 223 3.83 4.62 20.04
CA SER B 223 4.02 5.68 21.03
C SER B 223 4.48 6.98 20.38
N VAL B 224 5.44 6.87 19.46
CA VAL B 224 5.98 8.04 18.76
C VAL B 224 4.91 8.72 17.93
N ILE B 225 4.06 7.94 17.29
CA ILE B 225 2.99 8.51 16.47
C ILE B 225 2.03 9.32 17.35
N ARG B 226 1.62 8.74 18.48
CA ARG B 226 0.71 9.41 19.39
C ARG B 226 1.35 10.72 19.88
N ILE B 227 2.61 10.62 20.31
CA ILE B 227 3.34 11.78 20.79
C ILE B 227 3.43 12.87 19.73
N ALA B 228 3.83 12.49 18.52
CA ALA B 228 3.95 13.44 17.42
C ALA B 228 2.65 14.20 17.18
N LYS B 229 1.53 13.48 17.15
CA LYS B 229 0.24 14.11 16.92
C LYS B 229 -0.13 15.03 18.09
N ASP B 230 0.13 14.60 19.32
CA ASP B 230 -0.17 15.42 20.48
C ASP B 230 0.58 16.74 20.45
N LEU B 231 1.76 16.74 19.82
CA LEU B 231 2.57 17.94 19.74
C LEU B 231 2.15 18.84 18.57
N GLY B 232 1.21 18.36 17.76
CA GLY B 232 0.73 19.16 16.65
C GLY B 232 1.30 18.82 15.28
N TYR B 233 2.09 17.76 15.19
CA TYR B 233 2.67 17.38 13.91
C TYR B 233 1.66 16.62 13.07
N GLU B 234 1.80 16.71 11.76
CA GLU B 234 0.93 15.98 10.86
C GLU B 234 1.65 14.66 10.59
N VAL B 235 0.97 13.54 10.83
CA VAL B 235 1.57 12.24 10.60
C VAL B 235 0.83 11.47 9.52
N GLN B 236 1.57 10.97 8.55
CA GLN B 236 1.01 10.18 7.47
C GLN B 236 1.69 8.81 7.46
N VAL B 237 0.95 7.80 7.05
CA VAL B 237 1.47 6.44 6.97
C VAL B 237 1.55 6.10 5.49
N VAL B 238 2.75 5.75 5.03
CA VAL B 238 2.95 5.44 3.62
C VAL B 238 3.97 4.34 3.40
N ARG B 239 3.98 3.80 2.19
CA ARG B 239 4.97 2.80 1.80
C ARG B 239 6.07 3.69 1.24
N ALA B 240 7.33 3.30 1.41
CA ALA B 240 8.44 4.12 0.93
C ALA B 240 9.56 3.36 0.24
N THR B 241 10.30 4.07 -0.60
CA THR B 241 11.44 3.51 -1.32
C THR B 241 12.71 4.07 -0.70
N ARG B 242 13.84 3.42 -0.96
CA ARG B 242 15.11 3.86 -0.42
C ARG B 242 15.45 5.31 -0.80
N ASP B 243 15.14 5.70 -2.04
CA ASP B 243 15.45 7.07 -2.44
C ASP B 243 14.50 8.14 -1.90
N GLN B 244 13.38 7.73 -1.34
CA GLN B 244 12.49 8.70 -0.74
C GLN B 244 13.14 9.06 0.60
N LEU B 245 13.87 8.09 1.18
CA LEU B 245 14.57 8.35 2.44
C LEU B 245 15.83 9.18 2.18
N TYR B 246 16.50 8.89 1.07
CA TYR B 246 17.73 9.61 0.71
C TYR B 246 17.47 11.11 0.63
N MET B 247 16.29 11.49 0.15
CA MET B 247 15.95 12.90 0.01
C MET B 247 15.03 13.47 1.10
N ALA B 248 14.83 12.71 2.17
CA ALA B 248 13.99 13.18 3.26
C ALA B 248 14.78 14.24 4.04
N ASP B 249 14.07 15.04 4.83
CA ASP B 249 14.69 16.07 5.65
C ASP B 249 15.34 15.42 6.87
N GLU B 250 14.69 14.36 7.36
CA GLU B 250 15.16 13.60 8.51
C GLU B 250 14.66 12.16 8.41
N VAL B 251 15.38 11.26 9.07
CA VAL B 251 14.98 9.86 9.11
C VAL B 251 15.30 9.39 10.52
N PHE B 252 14.43 8.58 11.11
CA PHE B 252 14.70 8.05 12.44
C PHE B 252 14.05 6.69 12.62
N MET B 253 14.54 5.93 13.59
CA MET B 253 13.98 4.61 13.86
C MET B 253 13.56 4.48 15.32
N THR B 254 12.62 3.57 15.55
CA THR B 254 12.10 3.34 16.89
C THR B 254 12.16 1.87 17.28
N GLY B 255 12.20 1.64 18.59
CA GLY B 255 12.26 0.29 19.14
C GLY B 255 12.38 0.44 20.64
N THR B 256 12.05 -0.60 21.39
CA THR B 256 12.14 -0.50 22.84
C THR B 256 13.57 -0.18 23.27
N ALA B 257 14.53 -0.88 22.68
CA ALA B 257 15.94 -0.68 23.00
C ALA B 257 16.48 0.57 22.30
N ALA B 258 16.06 0.77 21.05
CA ALA B 258 16.51 1.90 20.27
C ALA B 258 15.81 3.22 20.61
N GLU B 259 14.70 3.13 21.33
CA GLU B 259 13.93 4.33 21.70
C GLU B 259 13.66 5.12 20.41
N VAL B 260 14.09 6.38 20.35
CA VAL B 260 13.90 7.18 19.15
C VAL B 260 15.32 7.55 18.71
N THR B 261 15.79 6.91 17.65
CA THR B 261 17.15 7.13 17.18
C THR B 261 17.26 7.82 15.82
N PRO B 262 17.85 9.02 15.79
CA PRO B 262 18.02 9.79 14.56
C PRO B 262 18.96 9.07 13.59
N VAL B 263 18.65 9.11 12.31
CA VAL B 263 19.48 8.50 11.28
C VAL B 263 20.05 9.63 10.46
N SER B 264 21.38 9.75 10.46
CA SER B 264 22.05 10.84 9.75
C SER B 264 22.59 10.46 8.39
N MET B 265 22.61 9.16 8.08
CA MET B 265 23.14 8.72 6.79
C MET B 265 22.69 7.32 6.41
N ILE B 266 22.38 7.14 5.13
CA ILE B 266 21.98 5.84 4.61
C ILE B 266 22.75 5.56 3.33
N ASP B 267 23.39 4.40 3.27
CA ASP B 267 24.18 4.00 2.11
C ASP B 267 25.14 5.12 1.69
N TRP B 268 25.87 5.64 2.69
CA TRP B 268 26.87 6.68 2.50
C TRP B 268 26.33 7.98 1.90
N ARG B 269 25.02 8.17 1.99
CA ARG B 269 24.38 9.37 1.50
C ARG B 269 23.81 10.09 2.73
N PRO B 270 24.29 11.31 3.02
CA PRO B 270 23.77 12.03 4.18
C PRO B 270 22.29 12.36 4.10
N ILE B 271 21.61 12.27 5.23
CA ILE B 271 20.19 12.58 5.29
C ILE B 271 20.04 14.03 5.76
N GLY B 272 19.39 14.86 4.96
CA GLY B 272 19.23 16.25 5.33
C GLY B 272 20.55 16.94 5.59
N LYS B 273 20.69 17.55 6.77
CA LYS B 273 21.91 18.26 7.14
C LYS B 273 23.11 17.34 7.44
N GLY B 274 22.89 16.05 7.52
CA GLY B 274 23.99 15.14 7.80
C GLY B 274 24.15 14.81 9.27
N THR B 275 23.24 15.33 10.09
CA THR B 275 23.24 15.07 11.52
C THR B 275 21.77 14.90 11.91
N ALA B 276 21.52 14.63 13.19
CA ALA B 276 20.14 14.50 13.65
C ALA B 276 19.43 15.82 13.38
N GLY B 277 18.14 15.74 13.05
CA GLY B 277 17.35 16.94 12.79
C GLY B 277 16.57 17.32 14.04
N PRO B 278 15.96 18.51 14.06
CA PRO B 278 15.18 18.97 15.22
C PRO B 278 13.94 18.15 15.57
N VAL B 279 13.24 17.62 14.57
CA VAL B 279 12.04 16.83 14.82
C VAL B 279 12.31 15.53 15.56
N ALA B 280 13.26 14.74 15.06
CA ALA B 280 13.58 13.48 15.71
C ALA B 280 14.08 13.72 17.14
N LEU B 281 14.92 14.73 17.31
CA LEU B 281 15.46 15.05 18.63
C LEU B 281 14.36 15.48 19.59
N ARG B 282 13.39 16.22 19.08
CA ARG B 282 12.27 16.69 19.90
C ARG B 282 11.40 15.51 20.29
N LEU B 283 11.16 14.61 19.34
CA LEU B 283 10.34 13.42 19.60
C LEU B 283 11.03 12.52 20.61
N ARG B 284 12.34 12.36 20.48
CA ARG B 284 13.11 11.52 21.40
C ARG B 284 12.98 12.07 22.82
N GLU B 285 13.16 13.38 22.97
CA GLU B 285 13.08 14.02 24.27
C GLU B 285 11.72 13.80 24.94
N VAL B 286 10.64 14.09 24.22
CA VAL B 286 9.31 13.93 24.78
C VAL B 286 9.06 12.47 25.10
N TYR B 287 9.53 11.57 24.23
CA TYR B 287 9.35 10.15 24.46
C TYR B 287 10.04 9.74 25.76
N LEU B 288 11.26 10.24 25.97
CA LEU B 288 12.00 9.92 27.19
C LEU B 288 11.33 10.51 28.42
N GLU B 289 10.73 11.69 28.28
CA GLU B 289 10.05 12.33 29.40
C GLU B 289 8.83 11.49 29.77
N ALA B 290 8.24 10.86 28.75
CA ALA B 290 7.07 10.01 28.94
C ALA B 290 7.42 8.73 29.67
N VAL B 291 8.43 8.01 29.19
CA VAL B 291 8.82 6.76 29.82
C VAL B 291 9.42 6.92 31.22
N THR B 292 9.97 8.10 31.51
CA THR B 292 10.55 8.32 32.83
C THR B 292 9.58 9.00 33.80
N GLY B 293 8.30 8.97 33.47
CA GLY B 293 7.27 9.53 34.31
C GLY B 293 7.28 11.03 34.57
N ARG B 294 7.61 11.81 33.55
CA ARG B 294 7.65 13.25 33.69
C ARG B 294 6.58 13.91 32.83
N ARG B 295 5.72 13.08 32.24
CA ARG B 295 4.62 13.53 31.38
C ARG B 295 3.29 13.03 31.91
N PRO B 296 2.57 13.87 32.68
CA PRO B 296 1.28 13.49 33.25
C PRO B 296 0.31 12.86 32.24
N GLU B 297 0.26 13.43 31.03
CA GLU B 297 -0.64 12.94 30.01
C GLU B 297 -0.32 11.52 29.54
N TYR B 298 0.88 11.02 29.87
CA TYR B 298 1.27 9.69 29.45
C TYR B 298 1.45 8.69 30.58
N GLU B 299 1.08 9.08 31.79
CA GLU B 299 1.21 8.19 32.94
C GLU B 299 0.43 6.90 32.75
N GLY B 300 -0.60 6.95 31.90
CA GLY B 300 -1.40 5.77 31.65
C GLY B 300 -0.58 4.65 31.04
N TRP B 301 0.53 5.00 30.39
CA TRP B 301 1.40 4.00 29.76
C TRP B 301 2.37 3.34 30.74
N LEU B 302 2.45 3.89 31.95
CA LEU B 302 3.39 3.37 32.96
C LEU B 302 2.80 2.50 34.06
N THR B 303 3.55 1.48 34.44
CA THR B 303 3.16 0.58 35.51
C THR B 303 4.27 0.63 36.55
N TYR B 304 4.01 1.30 37.67
CA TYR B 304 5.03 1.41 38.71
C TYR B 304 5.14 0.11 39.50
N VAL B 305 6.36 -0.41 39.54
CA VAL B 305 6.66 -1.67 40.22
C VAL B 305 6.44 -1.62 41.73
N ASN B 306 6.66 -0.46 42.34
CA ASN B 306 6.46 -0.35 43.79
C ASN B 306 5.11 0.29 44.11
N ILE C 3 17.27 20.82 -32.81
CA ILE C 3 16.66 21.58 -31.68
C ILE C 3 17.14 23.04 -31.69
N LYS C 4 16.19 23.95 -31.60
CA LYS C 4 16.48 25.38 -31.60
C LYS C 4 16.65 25.87 -30.16
N ALA C 5 17.82 25.60 -29.57
CA ALA C 5 18.08 26.00 -28.19
C ALA C 5 18.70 27.39 -28.06
N GLY C 6 19.60 27.73 -28.97
CA GLY C 6 20.24 29.04 -28.91
C GLY C 6 21.38 29.01 -27.91
N LEU C 7 21.47 30.02 -27.06
CA LEU C 7 22.53 30.09 -26.07
C LEU C 7 22.30 29.07 -24.95
N ILE C 8 23.33 28.28 -24.66
CA ILE C 8 23.25 27.26 -23.62
C ILE C 8 24.25 27.56 -22.51
N TRP C 9 23.81 27.42 -21.26
CA TRP C 9 24.68 27.65 -20.12
C TRP C 9 25.52 26.39 -19.96
N MET C 10 26.84 26.52 -20.08
CA MET C 10 27.74 25.39 -19.96
C MET C 10 28.72 25.60 -18.81
N ASN C 11 28.51 24.87 -17.72
CA ASN C 11 29.36 24.94 -16.55
C ASN C 11 29.81 26.35 -16.19
N GLY C 12 28.85 27.24 -15.97
CA GLY C 12 29.19 28.60 -15.58
C GLY C 12 29.07 29.71 -16.60
N ALA C 13 29.11 29.38 -17.88
CA ALA C 13 29.03 30.42 -18.91
C ALA C 13 28.18 30.04 -20.12
N PHE C 14 27.50 31.02 -20.69
CA PHE C 14 26.68 30.76 -21.87
C PHE C 14 27.56 30.71 -23.12
N VAL C 15 27.18 29.84 -24.05
CA VAL C 15 27.91 29.68 -25.30
C VAL C 15 26.92 29.28 -26.38
N PRO C 16 27.26 29.54 -27.65
CA PRO C 16 26.37 29.18 -28.76
C PRO C 16 26.11 27.67 -28.73
N GLN C 17 24.92 27.26 -29.15
CA GLN C 17 24.56 25.86 -29.16
C GLN C 17 25.67 24.98 -29.74
N GLU C 18 26.13 25.34 -30.93
CA GLU C 18 27.18 24.60 -31.63
C GLU C 18 28.42 24.33 -30.76
N GLU C 19 28.62 25.14 -29.73
CA GLU C 19 29.78 24.96 -28.87
C GLU C 19 29.45 24.13 -27.64
N ALA C 20 28.16 23.84 -27.44
CA ALA C 20 27.73 23.05 -26.29
C ALA C 20 27.89 21.57 -26.58
N LYS C 21 29.12 21.08 -26.46
CA LYS C 21 29.40 19.68 -26.73
C LYS C 21 30.22 19.05 -25.61
N THR C 22 30.27 17.73 -25.59
CA THR C 22 31.01 17.02 -24.56
C THR C 22 31.68 15.79 -25.15
N SER C 23 32.79 15.37 -24.54
CA SER C 23 33.53 14.21 -25.01
C SER C 23 32.64 12.97 -25.20
N VAL C 24 32.84 12.26 -26.31
CA VAL C 24 32.06 11.07 -26.57
C VAL C 24 32.52 9.97 -25.61
N LEU C 25 33.51 10.29 -24.79
CA LEU C 25 34.01 9.34 -23.81
C LEU C 25 33.43 9.68 -22.43
N SER C 26 32.42 10.53 -22.42
CA SER C 26 31.76 10.91 -21.17
C SER C 26 31.07 9.70 -20.56
N HIS C 27 31.32 9.48 -19.28
CA HIS C 27 30.74 8.37 -18.53
C HIS C 27 29.22 8.26 -18.80
N ALA C 28 28.52 9.38 -18.69
CA ALA C 28 27.07 9.40 -18.91
C ALA C 28 26.64 8.90 -20.28
N LEU C 29 27.46 9.16 -21.29
CA LEU C 29 27.12 8.73 -22.64
C LEU C 29 27.21 7.21 -22.80
N HIS C 30 27.97 6.57 -21.91
CA HIS C 30 28.16 5.14 -21.96
C HIS C 30 27.35 4.37 -20.92
N TYR C 31 27.12 4.99 -19.77
CA TYR C 31 26.44 4.31 -18.67
C TYR C 31 25.17 4.95 -18.10
N GLY C 32 24.64 5.97 -18.77
CA GLY C 32 23.43 6.62 -18.31
C GLY C 32 23.53 7.36 -16.99
N THR C 33 24.75 7.71 -16.60
CA THR C 33 24.97 8.41 -15.34
C THR C 33 24.81 9.92 -15.39
N SER C 34 23.57 10.38 -15.57
CA SER C 34 23.28 11.81 -15.59
C SER C 34 21.93 12.02 -14.93
N VAL C 35 21.64 13.27 -14.60
CA VAL C 35 20.35 13.62 -14.01
C VAL C 35 19.87 14.86 -14.76
N PHE C 36 18.55 15.05 -14.81
CA PHE C 36 18.01 16.21 -15.49
C PHE C 36 16.69 16.62 -14.87
N GLU C 37 16.17 17.74 -15.35
CA GLU C 37 14.89 18.24 -14.89
C GLU C 37 14.11 18.75 -16.09
N GLY C 38 12.83 19.01 -15.85
CA GLY C 38 11.95 19.52 -16.89
C GLY C 38 11.26 20.67 -16.20
N ILE C 39 11.51 21.89 -16.68
CA ILE C 39 10.93 23.07 -16.09
C ILE C 39 10.32 23.94 -17.18
N ARG C 40 9.13 24.45 -16.94
CA ARG C 40 8.49 25.28 -17.94
C ARG C 40 8.32 26.74 -17.55
N ALA C 41 8.37 27.58 -18.57
CA ALA C 41 8.17 29.00 -18.39
C ALA C 41 6.94 29.30 -19.25
N TYR C 42 5.98 30.03 -18.68
CA TYR C 42 4.79 30.40 -19.41
C TYR C 42 4.70 31.91 -19.50
N GLU C 43 4.12 32.40 -20.58
CA GLU C 43 3.97 33.84 -20.75
C GLU C 43 2.80 34.34 -19.90
N THR C 44 3.03 35.42 -19.16
CA THR C 44 1.98 36.01 -18.34
C THR C 44 1.85 37.47 -18.77
N ALA C 45 0.88 38.18 -18.20
CA ALA C 45 0.70 39.58 -18.54
C ALA C 45 1.92 40.38 -18.09
N LYS C 46 2.69 39.81 -17.17
CA LYS C 46 3.89 40.45 -16.65
C LYS C 46 5.15 39.79 -17.20
N GLY C 47 5.03 39.15 -18.35
CA GLY C 47 6.19 38.50 -18.94
C GLY C 47 6.33 37.03 -18.55
N PRO C 48 7.42 36.38 -18.95
CA PRO C 48 7.67 34.96 -18.66
C PRO C 48 7.76 34.64 -17.17
N ALA C 49 7.13 33.54 -16.77
CA ALA C 49 7.15 33.10 -15.38
C ALA C 49 7.46 31.61 -15.34
N ILE C 50 8.51 31.26 -14.60
CA ILE C 50 8.94 29.88 -14.47
C ILE C 50 8.08 29.23 -13.38
N PHE C 51 7.56 28.04 -13.67
CA PHE C 51 6.69 27.36 -12.72
C PHE C 51 7.42 26.46 -11.73
N ARG C 52 7.24 26.76 -10.44
CA ARG C 52 7.83 26.03 -9.34
C ARG C 52 9.32 25.72 -9.55
N LEU C 53 10.07 26.79 -9.79
CA LEU C 53 11.50 26.72 -10.04
C LEU C 53 12.32 26.03 -8.95
N LYS C 54 12.24 26.56 -7.73
CA LYS C 54 12.98 26.01 -6.61
C LYS C 54 12.66 24.55 -6.33
N GLU C 55 11.40 24.17 -6.49
CA GLU C 55 11.02 22.79 -6.24
C GLU C 55 11.72 21.88 -7.25
N HIS C 56 11.82 22.35 -8.50
CA HIS C 56 12.48 21.58 -9.55
C HIS C 56 13.98 21.48 -9.32
N VAL C 57 14.59 22.57 -8.87
CA VAL C 57 16.03 22.59 -8.62
C VAL C 57 16.36 21.66 -7.45
N LYS C 58 15.50 21.66 -6.43
CA LYS C 58 15.72 20.80 -5.27
C LYS C 58 15.75 19.34 -5.73
N ARG C 59 14.79 18.95 -6.57
CA ARG C 59 14.75 17.57 -7.06
C ARG C 59 16.00 17.28 -7.88
N PHE C 60 16.48 18.30 -8.60
CA PHE C 60 17.68 18.16 -9.42
C PHE C 60 18.84 17.71 -8.54
N TYR C 61 19.05 18.41 -7.42
CA TYR C 61 20.12 18.05 -6.51
C TYR C 61 19.83 16.73 -5.80
N ASN C 62 18.56 16.44 -5.56
CA ASN C 62 18.19 15.19 -4.93
C ASN C 62 18.54 14.03 -5.85
N SER C 63 18.25 14.19 -7.14
CA SER C 63 18.55 13.14 -8.10
C SER C 63 20.06 12.88 -8.07
N ALA C 64 20.84 13.95 -8.00
CA ALA C 64 22.28 13.84 -7.97
C ALA C 64 22.76 13.05 -6.76
N LYS C 65 22.15 13.28 -5.60
CA LYS C 65 22.55 12.57 -4.39
C LYS C 65 22.35 11.06 -4.54
N VAL C 66 21.30 10.66 -5.24
CA VAL C 66 21.05 9.23 -5.43
C VAL C 66 22.23 8.60 -6.16
N LEU C 67 22.81 9.33 -7.11
CA LEU C 67 23.95 8.83 -7.85
C LEU C 67 25.27 9.18 -7.18
N ARG C 68 25.19 9.87 -6.04
CA ARG C 68 26.38 10.28 -5.32
C ARG C 68 27.21 11.14 -6.27
N MET C 69 26.51 11.84 -7.15
CA MET C 69 27.11 12.73 -8.13
C MET C 69 27.28 14.09 -7.47
N GLU C 70 28.42 14.74 -7.69
CA GLU C 70 28.65 16.04 -7.09
C GLU C 70 28.40 17.16 -8.10
N ILE C 71 27.48 18.06 -7.75
CA ILE C 71 27.18 19.20 -8.62
C ILE C 71 27.99 20.39 -8.12
N PRO C 72 29.01 20.81 -8.88
CA PRO C 72 29.92 21.92 -8.57
C PRO C 72 29.34 23.34 -8.60
N PHE C 73 28.05 23.47 -8.28
CA PHE C 73 27.41 24.78 -8.25
C PHE C 73 26.38 24.82 -7.13
N ALA C 74 26.14 26.00 -6.58
CA ALA C 74 25.17 26.16 -5.52
C ALA C 74 23.79 26.27 -6.17
N PRO C 75 22.74 25.83 -5.48
CA PRO C 75 21.37 25.90 -6.02
C PRO C 75 21.04 27.28 -6.60
N GLU C 76 21.39 28.33 -5.86
CA GLU C 76 21.12 29.71 -6.30
C GLU C 76 21.71 30.02 -7.66
N GLU C 77 22.90 29.49 -7.93
CA GLU C 77 23.54 29.72 -9.22
C GLU C 77 22.78 29.03 -10.34
N LEU C 78 22.33 27.80 -10.11
CA LEU C 78 21.57 27.08 -11.13
C LEU C 78 20.28 27.82 -11.42
N GLU C 79 19.65 28.32 -10.37
CA GLU C 79 18.40 29.05 -10.51
C GLU C 79 18.63 30.30 -11.36
N GLU C 80 19.75 30.98 -11.12
CA GLU C 80 20.09 32.18 -11.86
C GLU C 80 20.38 31.80 -13.32
N ALA C 81 21.00 30.65 -13.51
CA ALA C 81 21.32 30.17 -14.86
C ALA C 81 20.02 29.87 -15.59
N ILE C 82 19.08 29.26 -14.89
CA ILE C 82 17.78 28.91 -15.48
C ILE C 82 17.02 30.16 -15.89
N LYS C 83 17.03 31.18 -15.03
CA LYS C 83 16.34 32.42 -15.37
C LYS C 83 16.99 33.06 -16.59
N GLU C 84 18.33 33.08 -16.61
CA GLU C 84 19.08 33.68 -17.71
C GLU C 84 18.97 32.94 -19.03
N VAL C 85 18.75 31.64 -19.01
CA VAL C 85 18.62 30.91 -20.27
C VAL C 85 17.33 31.34 -20.96
N VAL C 86 16.39 31.86 -20.17
CA VAL C 86 15.11 32.33 -20.72
C VAL C 86 15.30 33.74 -21.29
N ARG C 87 15.82 34.65 -20.47
CA ARG C 87 16.04 36.04 -20.87
C ARG C 87 16.92 36.18 -22.11
N ARG C 88 18.16 35.72 -21.98
CA ARG C 88 19.14 35.82 -23.06
C ARG C 88 18.67 35.30 -24.41
N ASN C 89 17.82 34.28 -24.40
CA ASN C 89 17.33 33.73 -25.66
C ASN C 89 16.02 34.40 -26.06
N GLY C 90 15.59 35.37 -25.25
CA GLY C 90 14.36 36.08 -25.54
C GLY C 90 13.13 35.20 -25.56
N TYR C 91 13.10 34.18 -24.71
CA TYR C 91 11.97 33.25 -24.64
C TYR C 91 10.79 33.80 -23.85
N ARG C 92 9.59 33.42 -24.28
CA ARG C 92 8.36 33.83 -23.60
C ARG C 92 7.81 32.56 -22.95
N SER C 93 7.50 31.57 -23.78
CA SER C 93 6.99 30.29 -23.31
C SER C 93 8.00 29.25 -23.77
N CYS C 94 8.62 28.54 -22.82
CA CYS C 94 9.62 27.56 -23.20
C CYS C 94 9.76 26.40 -22.22
N TYR C 95 10.46 25.38 -22.68
CA TYR C 95 10.75 24.21 -21.87
C TYR C 95 12.23 24.31 -21.54
N ILE C 96 12.56 24.25 -20.25
CA ILE C 96 13.94 24.36 -19.80
C ILE C 96 14.45 23.00 -19.34
N ARG C 97 15.62 22.61 -19.85
CA ARG C 97 16.22 21.33 -19.52
C ARG C 97 17.59 21.39 -18.84
N PRO C 98 17.63 21.38 -17.50
CA PRO C 98 18.92 21.41 -16.81
C PRO C 98 19.44 19.97 -16.90
N LEU C 99 20.75 19.81 -17.00
CA LEU C 99 21.36 18.48 -17.10
C LEU C 99 22.73 18.46 -16.43
N ALA C 100 22.96 17.43 -15.62
CA ALA C 100 24.23 17.24 -14.95
C ALA C 100 24.68 15.83 -15.35
N TRP C 101 25.89 15.69 -15.86
CA TRP C 101 26.37 14.37 -16.26
C TRP C 101 27.84 14.13 -15.88
N MET C 102 28.18 12.86 -15.72
CA MET C 102 29.55 12.47 -15.39
C MET C 102 30.42 12.56 -16.65
N GLY C 103 31.55 13.26 -16.52
CA GLY C 103 32.45 13.45 -17.64
C GLY C 103 33.32 12.29 -18.08
N ALA C 104 34.34 12.60 -18.88
CA ALA C 104 35.24 11.59 -19.41
C ALA C 104 36.58 11.42 -18.70
N LYS C 105 36.58 11.40 -17.37
CA LYS C 105 37.83 11.23 -16.63
C LYS C 105 38.27 9.76 -16.63
N ALA C 106 37.31 8.86 -16.61
CA ALA C 106 37.57 7.42 -16.61
C ALA C 106 36.31 6.68 -17.02
N LEU C 107 36.47 5.48 -17.58
CA LEU C 107 35.30 4.73 -18.01
C LEU C 107 35.02 3.44 -17.26
N GLY C 108 35.41 3.39 -16.00
CA GLY C 108 35.09 2.22 -15.19
C GLY C 108 33.61 2.44 -14.91
N VAL C 109 32.85 1.39 -14.62
CA VAL C 109 31.42 1.61 -14.39
C VAL C 109 31.15 2.49 -13.16
N ASN C 110 32.09 2.51 -12.22
CA ASN C 110 31.98 3.33 -11.02
C ASN C 110 32.16 4.81 -11.41
N PRO C 111 31.14 5.65 -11.19
CA PRO C 111 31.20 7.07 -11.53
C PRO C 111 31.91 8.02 -10.57
N LEU C 112 32.09 7.60 -9.32
CA LEU C 112 32.73 8.45 -8.32
C LEU C 112 34.03 9.13 -8.79
N PRO C 113 34.92 8.38 -9.45
CA PRO C 113 36.18 8.97 -9.93
C PRO C 113 35.97 10.13 -10.91
N ASN C 114 34.79 10.19 -11.53
CA ASN C 114 34.51 11.25 -12.50
C ASN C 114 33.99 12.55 -11.90
N ASN C 115 33.73 12.58 -10.60
CA ASN C 115 33.24 13.81 -9.98
C ASN C 115 34.30 14.91 -10.07
N PRO C 116 33.86 16.18 -10.10
CA PRO C 116 32.46 16.61 -10.07
C PRO C 116 31.78 16.49 -11.42
N ALA C 117 30.45 16.53 -11.43
CA ALA C 117 29.70 16.42 -12.67
C ALA C 117 29.74 17.71 -13.47
N GLU C 118 29.59 17.59 -14.78
CA GLU C 118 29.55 18.74 -15.65
C GLU C 118 28.07 19.11 -15.69
N VAL C 119 27.77 20.39 -15.84
CA VAL C 119 26.39 20.85 -15.85
C VAL C 119 26.10 21.82 -17.00
N MET C 120 24.86 21.81 -17.46
CA MET C 120 24.44 22.71 -18.52
C MET C 120 22.93 22.95 -18.39
N VAL C 121 22.47 24.04 -18.99
CA VAL C 121 21.05 24.37 -18.96
C VAL C 121 20.66 24.88 -20.34
N ALA C 122 19.73 24.18 -20.97
CA ALA C 122 19.26 24.53 -22.29
C ALA C 122 17.75 24.74 -22.22
N ALA C 123 17.22 25.45 -23.22
CA ALA C 123 15.80 25.72 -23.27
C ALA C 123 15.41 25.97 -24.73
N TRP C 124 14.12 25.83 -25.02
CA TRP C 124 13.62 26.05 -26.37
C TRP C 124 12.14 26.39 -26.32
N GLU C 125 11.72 27.31 -27.17
CA GLU C 125 10.33 27.75 -27.21
C GLU C 125 9.37 26.58 -27.30
N TRP C 126 8.27 26.68 -26.55
CA TRP C 126 7.24 25.64 -26.51
C TRP C 126 6.09 25.99 -27.44
N LYS C 137 -9.22 15.59 -28.16
CA LYS C 137 -9.84 14.25 -28.35
C LYS C 137 -9.62 13.36 -27.13
N GLY C 138 -8.45 13.52 -26.51
CA GLY C 138 -8.08 12.72 -25.36
C GLY C 138 -7.00 11.73 -25.76
N ALA C 139 -5.97 11.59 -24.95
CA ALA C 139 -4.88 10.68 -25.27
C ALA C 139 -5.33 9.23 -25.23
N ARG C 140 -4.77 8.42 -26.13
CA ARG C 140 -5.09 7.00 -26.17
C ARG C 140 -3.88 6.25 -25.65
N LEU C 141 -4.09 5.45 -24.61
CA LEU C 141 -3.00 4.69 -24.01
C LEU C 141 -3.10 3.20 -24.26
N ILE C 142 -1.95 2.55 -24.13
CA ILE C 142 -1.83 1.12 -24.26
C ILE C 142 -0.94 0.73 -23.10
N THR C 143 -1.24 -0.40 -22.46
CA THR C 143 -0.43 -0.85 -21.33
C THR C 143 0.81 -1.52 -21.88
N SER C 144 1.96 -1.07 -21.40
CA SER C 144 3.25 -1.58 -21.85
C SER C 144 3.57 -3.01 -21.40
N SER C 145 4.39 -3.68 -22.19
CA SER C 145 4.83 -5.04 -21.87
C SER C 145 6.15 -4.89 -21.09
N TRP C 146 6.51 -3.64 -20.85
CA TRP C 146 7.71 -3.32 -20.06
C TRP C 146 7.24 -2.75 -18.72
N ALA C 147 7.70 -3.33 -17.63
CA ALA C 147 7.30 -2.87 -16.31
C ALA C 147 8.25 -1.79 -15.81
N ARG C 148 7.74 -0.84 -15.03
CA ARG C 148 8.59 0.20 -14.48
C ARG C 148 9.43 -0.47 -13.41
N PHE C 149 10.72 -0.19 -13.42
CA PHE C 149 11.66 -0.78 -12.48
C PHE C 149 11.32 -0.74 -11.00
N PRO C 150 11.58 -1.84 -10.30
CA PRO C 150 11.31 -1.95 -8.86
C PRO C 150 12.18 -0.89 -8.17
N ALA C 151 11.81 -0.50 -6.96
CA ALA C 151 12.53 0.53 -6.21
C ALA C 151 13.93 0.15 -5.77
N ASN C 152 14.34 -1.09 -6.04
CA ASN C 152 15.68 -1.54 -5.69
C ASN C 152 16.43 -1.99 -6.94
N VAL C 153 16.00 -1.49 -8.08
CA VAL C 153 16.63 -1.82 -9.38
C VAL C 153 17.14 -0.54 -10.04
N MET C 154 16.27 0.47 -10.07
CA MET C 154 16.60 1.78 -10.62
C MET C 154 15.95 2.78 -9.67
N PRO C 155 16.58 3.93 -9.43
CA PRO C 155 16.03 4.94 -8.53
C PRO C 155 14.85 5.68 -9.17
N GLY C 156 13.65 5.16 -8.94
CA GLY C 156 12.44 5.73 -9.51
C GLY C 156 11.98 7.07 -9.00
N LYS C 157 12.59 7.57 -7.93
CA LYS C 157 12.20 8.87 -7.39
C LYS C 157 13.13 9.95 -7.95
N ALA C 158 14.08 9.54 -8.79
CA ALA C 158 15.03 10.47 -9.38
C ALA C 158 14.98 10.44 -10.90
N LYS C 159 15.21 11.58 -11.52
CA LYS C 159 15.22 11.67 -12.99
C LYS C 159 16.66 11.38 -13.42
N VAL C 160 17.03 10.10 -13.36
CA VAL C 160 18.36 9.65 -13.74
C VAL C 160 18.31 9.18 -15.19
N GLY C 161 19.28 9.65 -15.98
CA GLY C 161 19.34 9.30 -17.40
C GLY C 161 19.03 7.86 -17.76
N GLY C 162 19.77 6.93 -17.18
CA GLY C 162 19.57 5.52 -17.49
C GLY C 162 18.15 5.01 -17.33
N ASN C 163 17.40 5.58 -16.39
CA ASN C 163 16.03 5.16 -16.13
C ASN C 163 15.17 5.21 -17.38
N TYR C 164 15.40 6.21 -18.22
CA TYR C 164 14.60 6.43 -19.41
C TYR C 164 14.74 5.47 -20.58
N VAL C 165 15.60 4.48 -20.42
CA VAL C 165 15.72 3.46 -21.45
C VAL C 165 14.39 2.71 -21.30
N ASN C 166 13.96 2.56 -20.05
CA ASN C 166 12.70 1.88 -19.74
C ASN C 166 11.52 2.69 -20.30
N SER C 167 11.55 4.00 -20.14
CA SER C 167 10.50 4.86 -20.67
C SER C 167 10.53 4.83 -22.20
N ALA C 168 11.73 4.92 -22.76
CA ALA C 168 11.87 4.90 -24.22
C ALA C 168 11.30 3.64 -24.85
N LEU C 169 11.56 2.49 -24.23
CA LEU C 169 11.07 1.22 -24.75
C LEU C 169 9.53 1.18 -24.73
N ALA C 170 8.95 1.65 -23.64
CA ALA C 170 7.51 1.67 -23.48
C ALA C 170 6.86 2.64 -24.46
N LYS C 171 7.48 3.81 -24.64
CA LYS C 171 6.94 4.80 -25.55
C LYS C 171 6.91 4.31 -27.00
N MET C 172 8.04 3.77 -27.47
CA MET C 172 8.09 3.27 -28.85
C MET C 172 7.02 2.19 -29.05
N GLU C 173 6.87 1.34 -28.05
CA GLU C 173 5.89 0.25 -28.09
C GLU C 173 4.48 0.80 -28.29
N ALA C 174 4.11 1.77 -27.45
CA ALA C 174 2.79 2.37 -27.54
C ALA C 174 2.54 3.00 -28.90
N VAL C 175 3.47 3.85 -29.35
CA VAL C 175 3.34 4.51 -30.64
C VAL C 175 3.22 3.50 -31.77
N ALA C 176 4.08 2.48 -31.76
CA ALA C 176 4.05 1.46 -32.79
C ALA C 176 2.70 0.73 -32.80
N ALA C 177 2.04 0.66 -31.65
CA ALA C 177 0.75 -0.01 -31.56
C ALA C 177 -0.40 0.89 -31.98
N GLY C 178 -0.08 2.16 -32.25
CA GLY C 178 -1.10 3.10 -32.68
C GLY C 178 -1.69 3.96 -31.59
N ALA C 179 -1.02 4.05 -30.45
CA ALA C 179 -1.50 4.86 -29.32
C ALA C 179 -0.61 6.08 -29.15
N ASP C 180 -1.00 6.97 -28.25
CA ASP C 180 -0.25 8.19 -27.99
C ASP C 180 0.79 8.04 -26.89
N GLU C 181 0.47 7.22 -25.89
CA GLU C 181 1.38 7.04 -24.77
C GLU C 181 1.23 5.66 -24.14
N ALA C 182 2.26 5.26 -23.41
CA ALA C 182 2.25 3.97 -22.76
C ALA C 182 1.93 4.10 -21.28
N LEU C 183 1.22 3.10 -20.75
CA LEU C 183 0.90 3.04 -19.34
C LEU C 183 1.71 1.84 -18.85
N LEU C 184 2.61 2.06 -17.89
CA LEU C 184 3.41 0.96 -17.37
C LEU C 184 2.89 0.45 -16.04
N LEU C 185 3.00 -0.86 -15.83
CA LEU C 185 2.60 -1.49 -14.59
C LEU C 185 3.89 -1.77 -13.84
N ASP C 186 3.82 -1.99 -12.53
CA ASP C 186 5.04 -2.33 -11.80
C ASP C 186 5.20 -3.84 -11.99
N GLU C 187 6.26 -4.41 -11.44
CA GLU C 187 6.52 -5.85 -11.62
C GLU C 187 5.44 -6.74 -11.01
N GLU C 188 4.69 -6.22 -10.02
CA GLU C 188 3.63 -7.00 -9.39
C GLU C 188 2.34 -6.97 -10.19
N GLY C 189 2.27 -6.12 -11.21
CA GLY C 189 1.07 -6.05 -12.03
C GLY C 189 0.14 -4.88 -11.78
N TYR C 190 0.53 -3.99 -10.85
CA TYR C 190 -0.28 -2.82 -10.54
C TYR C 190 0.11 -1.68 -11.45
N VAL C 191 -0.80 -0.72 -11.61
CA VAL C 191 -0.53 0.43 -12.44
C VAL C 191 0.60 1.23 -11.78
N ALA C 192 1.52 1.73 -12.58
CA ALA C 192 2.62 2.53 -12.07
C ALA C 192 2.41 3.95 -12.61
N GLU C 193 2.84 4.18 -13.83
CA GLU C 193 2.68 5.48 -14.47
C GLU C 193 2.98 5.41 -15.96
N GLY C 194 2.80 6.54 -16.65
CA GLY C 194 3.08 6.58 -18.08
C GLY C 194 4.58 6.60 -18.28
N SER C 195 5.04 6.57 -19.53
CA SER C 195 6.48 6.57 -19.79
C SER C 195 7.11 7.80 -19.13
N GLY C 196 6.29 8.82 -18.89
CA GLY C 196 6.78 10.02 -18.26
C GLY C 196 5.66 10.90 -17.72
N GLU C 197 4.61 10.26 -17.19
CA GLU C 197 3.47 11.00 -16.66
C GLU C 197 2.89 10.26 -15.45
N ASN C 198 2.48 11.00 -14.43
CA ASN C 198 1.86 10.40 -13.24
C ASN C 198 0.39 10.20 -13.59
N LEU C 199 -0.23 9.18 -13.01
CA LEU C 199 -1.62 8.88 -13.32
C LEU C 199 -2.67 9.21 -12.25
N PHE C 200 -3.87 9.56 -12.75
CA PHE C 200 -5.02 9.88 -11.92
C PHE C 200 -6.24 9.25 -12.59
N PHE C 201 -7.28 9.00 -11.81
CA PHE C 201 -8.52 8.50 -12.38
C PHE C 201 -9.64 9.01 -11.49
N VAL C 202 -10.83 9.16 -12.08
CA VAL C 202 -11.97 9.67 -11.35
C VAL C 202 -13.10 8.67 -11.36
N ARG C 203 -13.76 8.53 -10.21
CA ARG C 203 -14.85 7.60 -10.08
C ARG C 203 -15.87 8.12 -9.06
N ASP C 204 -17.12 8.23 -9.49
CA ASP C 204 -18.21 8.72 -8.66
C ASP C 204 -17.88 10.00 -7.90
N GLY C 205 -17.40 11.01 -8.63
CA GLY C 205 -17.08 12.28 -8.02
C GLY C 205 -15.77 12.36 -7.26
N VAL C 206 -15.12 11.23 -7.01
CA VAL C 206 -13.87 11.23 -6.28
C VAL C 206 -12.66 11.16 -7.21
N ILE C 207 -11.66 11.99 -6.93
CA ILE C 207 -10.44 12.01 -7.72
C ILE C 207 -9.40 11.11 -7.04
N TYR C 208 -8.90 10.13 -7.77
CA TYR C 208 -7.91 9.23 -7.21
C TYR C 208 -6.52 9.46 -7.83
N ALA C 209 -5.56 9.79 -6.97
CA ALA C 209 -4.19 9.98 -7.40
C ALA C 209 -3.52 8.67 -7.02
N LEU C 210 -2.66 8.14 -7.88
CA LEU C 210 -2.01 6.89 -7.53
C LEU C 210 -0.91 7.16 -6.51
N GLU C 211 -0.68 6.19 -5.62
CA GLU C 211 0.38 6.33 -4.61
C GLU C 211 1.70 6.48 -5.36
N HIS C 212 2.75 6.90 -4.67
CA HIS C 212 4.06 7.07 -5.31
C HIS C 212 4.69 5.76 -5.80
N SER C 213 4.44 4.68 -5.06
CA SER C 213 5.02 3.37 -5.38
C SER C 213 6.41 3.54 -6.00
N VAL C 214 6.59 3.07 -7.24
CA VAL C 214 7.90 3.19 -7.91
C VAL C 214 7.96 4.38 -8.86
N ASN C 215 6.93 5.21 -8.83
CA ASN C 215 6.85 6.37 -9.71
C ASN C 215 7.61 7.59 -9.22
N LEU C 216 7.79 8.57 -10.09
CA LEU C 216 8.47 9.79 -9.72
C LEU C 216 7.42 10.62 -8.97
N GLU C 217 7.86 11.40 -7.99
CA GLU C 217 6.93 12.25 -7.23
C GLU C 217 6.72 13.52 -8.03
N GLY C 218 5.80 13.45 -9.00
CA GLY C 218 5.52 14.58 -9.85
C GLY C 218 5.14 15.89 -9.21
N ILE C 219 5.71 16.97 -9.73
CA ILE C 219 5.41 18.31 -9.25
C ILE C 219 4.07 18.75 -9.85
N THR C 220 3.79 18.30 -11.07
CA THR C 220 2.53 18.63 -11.72
C THR C 220 1.43 17.88 -10.97
N ARG C 221 1.73 16.64 -10.59
CA ARG C 221 0.80 15.81 -9.83
C ARG C 221 0.47 16.53 -8.53
N ASP C 222 1.51 17.04 -7.87
CA ASP C 222 1.36 17.77 -6.61
C ASP C 222 0.47 18.99 -6.80
N SER C 223 0.75 19.78 -7.84
CA SER C 223 0.00 21.00 -8.13
C SER C 223 -1.47 20.68 -8.41
N VAL C 224 -1.69 19.62 -9.19
CA VAL C 224 -3.03 19.19 -9.54
C VAL C 224 -3.85 18.79 -8.33
N ILE C 225 -3.21 18.09 -7.39
CA ILE C 225 -3.89 17.66 -6.17
C ILE C 225 -4.27 18.88 -5.32
N ARG C 226 -3.37 19.85 -5.24
CA ARG C 226 -3.64 21.07 -4.48
C ARG C 226 -4.82 21.82 -5.10
N ILE C 227 -4.77 21.96 -6.43
CA ILE C 227 -5.81 22.65 -7.16
C ILE C 227 -7.15 21.92 -7.00
N ALA C 228 -7.13 20.61 -7.17
CA ALA C 228 -8.35 19.81 -7.04
C ALA C 228 -8.96 20.06 -5.67
N LYS C 229 -8.14 19.95 -4.63
CA LYS C 229 -8.62 20.17 -3.28
C LYS C 229 -9.14 21.60 -3.11
N ASP C 230 -8.41 22.57 -3.66
CA ASP C 230 -8.84 23.96 -3.56
C ASP C 230 -10.17 24.18 -4.25
N LEU C 231 -10.43 23.42 -5.30
CA LEU C 231 -11.68 23.54 -6.04
C LEU C 231 -12.84 22.86 -5.33
N GLY C 232 -12.54 22.09 -4.29
CA GLY C 232 -13.59 21.42 -3.55
C GLY C 232 -13.77 19.93 -3.80
N TYR C 233 -12.93 19.35 -4.67
CA TYR C 233 -13.03 17.92 -4.97
C TYR C 233 -12.47 17.10 -3.83
N GLU C 234 -12.98 15.88 -3.68
CA GLU C 234 -12.44 14.99 -2.67
C GLU C 234 -11.32 14.28 -3.41
N VAL C 235 -10.15 14.19 -2.78
CA VAL C 235 -9.02 13.53 -3.41
C VAL C 235 -8.46 12.42 -2.53
N GLN C 236 -8.34 11.22 -3.09
CA GLN C 236 -7.79 10.09 -2.38
C GLN C 236 -6.55 9.57 -3.11
N VAL C 237 -5.65 8.94 -2.37
CA VAL C 237 -4.43 8.38 -2.94
C VAL C 237 -4.50 6.88 -2.77
N VAL C 238 -4.40 6.12 -3.86
CA VAL C 238 -4.51 4.68 -3.77
C VAL C 238 -3.61 3.94 -4.76
N ARG C 239 -3.58 2.62 -4.59
CA ARG C 239 -2.86 1.74 -5.50
C ARG C 239 -3.97 1.33 -6.46
N ALA C 240 -3.67 1.18 -7.75
CA ALA C 240 -4.72 0.83 -8.70
C ALA C 240 -4.32 -0.22 -9.71
N THR C 241 -5.33 -0.91 -10.24
CA THR C 241 -5.14 -1.94 -11.25
C THR C 241 -5.65 -1.38 -12.56
N ARG C 242 -5.29 -2.02 -13.66
CA ARG C 242 -5.70 -1.55 -14.98
C ARG C 242 -7.22 -1.55 -15.14
N ASP C 243 -7.90 -2.56 -14.60
CA ASP C 243 -9.36 -2.60 -14.75
C ASP C 243 -10.07 -1.60 -13.84
N GLN C 244 -9.35 -0.99 -12.92
CA GLN C 244 -9.96 0.03 -12.09
C GLN C 244 -10.00 1.27 -12.98
N LEU C 245 -9.00 1.40 -13.85
CA LEU C 245 -8.95 2.53 -14.79
C LEU C 245 -9.95 2.29 -15.92
N TYR C 246 -10.04 1.05 -16.40
CA TYR C 246 -10.96 0.70 -17.47
C TYR C 246 -12.38 1.14 -17.12
N MET C 247 -12.76 0.98 -15.86
CA MET C 247 -14.10 1.33 -15.43
C MET C 247 -14.24 2.68 -14.73
N ALA C 248 -13.20 3.51 -14.79
CA ALA C 248 -13.27 4.82 -14.15
C ALA C 248 -14.12 5.75 -15.01
N ASP C 249 -14.64 6.81 -14.42
CA ASP C 249 -15.44 7.78 -15.18
C ASP C 249 -14.46 8.57 -16.04
N GLU C 250 -13.27 8.83 -15.48
CA GLU C 250 -12.24 9.56 -16.19
C GLU C 250 -10.86 9.10 -15.77
N VAL C 251 -9.88 9.40 -16.62
CA VAL C 251 -8.50 9.07 -16.36
C VAL C 251 -7.69 10.20 -16.98
N PHE C 252 -6.65 10.64 -16.31
CA PHE C 252 -5.80 11.69 -16.86
C PHE C 252 -4.38 11.53 -16.30
N MET C 253 -3.42 12.14 -16.96
CA MET C 253 -2.05 12.06 -16.50
C MET C 253 -1.44 13.45 -16.43
N THR C 254 -0.40 13.59 -15.61
CA THR C 254 0.26 14.88 -15.44
C THR C 254 1.76 14.81 -15.64
N GLY C 255 2.36 15.98 -15.87
CA GLY C 255 3.79 16.09 -16.09
C GLY C 255 4.05 17.50 -16.56
N THR C 256 5.27 17.98 -16.40
CA THR C 256 5.60 19.35 -16.83
C THR C 256 5.26 19.58 -18.30
N ALA C 257 5.78 18.74 -19.18
CA ALA C 257 5.53 18.88 -20.61
C ALA C 257 4.09 18.51 -20.96
N ALA C 258 3.58 17.46 -20.32
CA ALA C 258 2.23 16.98 -20.59
C ALA C 258 1.14 17.81 -19.90
N GLU C 259 1.52 18.62 -18.91
CA GLU C 259 0.55 19.43 -18.18
C GLU C 259 -0.50 18.46 -17.63
N VAL C 260 -1.76 18.70 -17.91
CA VAL C 260 -2.83 17.82 -17.46
C VAL C 260 -3.44 17.27 -18.75
N THR C 261 -3.19 15.99 -19.02
CA THR C 261 -3.69 15.37 -20.24
C THR C 261 -4.77 14.32 -20.00
N PRO C 262 -5.99 14.56 -20.51
CA PRO C 262 -7.09 13.61 -20.33
C PRO C 262 -6.80 12.33 -21.12
N VAL C 263 -7.30 11.21 -20.62
CA VAL C 263 -7.13 9.93 -21.29
C VAL C 263 -8.53 9.43 -21.63
N SER C 264 -8.81 9.31 -22.92
CA SER C 264 -10.14 8.88 -23.35
C SER C 264 -10.24 7.39 -23.68
N MET C 265 -9.11 6.70 -23.73
CA MET C 265 -9.10 5.28 -24.03
C MET C 265 -7.84 4.57 -23.57
N ILE C 266 -7.99 3.37 -23.04
CA ILE C 266 -6.84 2.58 -22.60
C ILE C 266 -7.03 1.17 -23.13
N ASP C 267 -6.01 0.67 -23.82
CA ASP C 267 -6.05 -0.66 -24.41
C ASP C 267 -7.31 -0.86 -25.24
N TRP C 268 -7.61 0.15 -26.06
CA TRP C 268 -8.78 0.12 -26.96
C TRP C 268 -10.12 0.06 -26.24
N ARG C 269 -10.11 0.29 -24.94
CA ARG C 269 -11.35 0.31 -24.17
C ARG C 269 -11.61 1.77 -23.80
N PRO C 270 -12.76 2.31 -24.21
CA PRO C 270 -13.09 3.71 -23.91
C PRO C 270 -13.27 3.98 -22.41
N ILE C 271 -12.78 5.13 -21.97
CA ILE C 271 -12.91 5.51 -20.58
C ILE C 271 -14.15 6.39 -20.47
N GLY C 272 -15.13 5.95 -19.70
CA GLY C 272 -16.35 6.72 -19.53
C GLY C 272 -17.08 6.98 -20.84
N LYS C 273 -17.16 8.25 -21.22
CA LYS C 273 -17.85 8.64 -22.44
C LYS C 273 -17.00 8.43 -23.68
N GLY C 274 -15.72 8.13 -23.49
CA GLY C 274 -14.85 7.90 -24.63
C GLY C 274 -14.17 9.15 -25.15
N THR C 275 -14.30 10.25 -24.43
CA THR C 275 -13.66 11.51 -24.81
C THR C 275 -13.23 12.20 -23.51
N ALA C 276 -12.46 13.27 -23.63
CA ALA C 276 -12.00 14.02 -22.46
C ALA C 276 -13.20 14.33 -21.56
N GLY C 277 -13.03 14.07 -20.26
CA GLY C 277 -14.10 14.31 -19.31
C GLY C 277 -14.02 15.68 -18.64
N PRO C 278 -15.10 16.13 -18.01
CA PRO C 278 -15.18 17.43 -17.32
C PRO C 278 -14.18 17.69 -16.20
N VAL C 279 -13.89 16.69 -15.38
CA VAL C 279 -12.96 16.88 -14.28
C VAL C 279 -11.56 17.17 -14.78
N ALA C 280 -11.05 16.29 -15.63
CA ALA C 280 -9.71 16.47 -16.19
C ALA C 280 -9.58 17.78 -16.96
N LEU C 281 -10.60 18.09 -17.76
CA LEU C 281 -10.57 19.32 -18.55
C LEU C 281 -10.54 20.55 -17.66
N ARG C 282 -11.30 20.50 -16.58
CA ARG C 282 -11.36 21.61 -15.65
C ARG C 282 -10.03 21.79 -14.91
N LEU C 283 -9.47 20.69 -14.42
CA LEU C 283 -8.20 20.76 -13.71
C LEU C 283 -7.14 21.32 -14.64
N ARG C 284 -7.14 20.86 -15.88
CA ARG C 284 -6.19 21.33 -16.87
C ARG C 284 -6.34 22.84 -17.06
N GLU C 285 -7.57 23.29 -17.30
CA GLU C 285 -7.81 24.73 -17.52
C GLU C 285 -7.40 25.59 -16.33
N VAL C 286 -7.75 25.15 -15.13
CA VAL C 286 -7.39 25.93 -13.94
C VAL C 286 -5.86 25.90 -13.79
N TYR C 287 -5.25 24.78 -14.15
CA TYR C 287 -3.79 24.65 -14.08
C TYR C 287 -3.13 25.67 -15.01
N LEU C 288 -3.68 25.82 -16.22
CA LEU C 288 -3.14 26.76 -17.19
C LEU C 288 -3.33 28.19 -16.69
N GLU C 289 -4.41 28.42 -15.95
CA GLU C 289 -4.69 29.74 -15.40
C GLU C 289 -3.68 30.04 -14.29
N ALA C 290 -3.33 29.00 -13.54
CA ALA C 290 -2.38 29.14 -12.45
C ALA C 290 -0.99 29.46 -13.00
N VAL C 291 -0.54 28.68 -13.97
CA VAL C 291 0.78 28.87 -14.56
C VAL C 291 0.95 30.15 -15.37
N THR C 292 -0.15 30.74 -15.83
CA THR C 292 -0.08 31.99 -16.60
C THR C 292 -0.35 33.22 -15.73
N GLY C 293 -0.36 33.01 -14.41
CA GLY C 293 -0.57 34.11 -13.48
C GLY C 293 -1.94 34.74 -13.38
N ARG C 294 -2.99 33.96 -13.65
CA ARG C 294 -4.34 34.49 -13.58
C ARG C 294 -5.00 34.16 -12.24
N ARG C 295 -4.29 33.41 -11.39
CA ARG C 295 -4.81 33.01 -10.08
C ARG C 295 -3.91 33.52 -8.97
N PRO C 296 -4.37 34.55 -8.23
CA PRO C 296 -3.59 35.10 -7.12
C PRO C 296 -3.18 34.03 -6.13
N GLU C 297 -4.11 33.12 -5.85
CA GLU C 297 -3.88 32.03 -4.91
C GLU C 297 -2.66 31.18 -5.23
N TYR C 298 -2.24 31.14 -6.50
CA TYR C 298 -1.09 30.34 -6.87
C TYR C 298 0.14 31.13 -7.29
N GLU C 299 0.11 32.43 -7.07
CA GLU C 299 1.24 33.28 -7.44
C GLU C 299 2.54 32.80 -6.83
N GLY C 300 2.45 32.20 -5.64
CA GLY C 300 3.63 31.70 -4.97
C GLY C 300 4.42 30.67 -5.75
N TRP C 301 3.79 30.03 -6.72
CA TRP C 301 4.46 29.01 -7.53
C TRP C 301 5.21 29.61 -8.72
N LEU C 302 5.02 30.90 -8.97
CA LEU C 302 5.66 31.53 -10.10
C LEU C 302 6.90 32.37 -9.81
N THR C 303 7.85 32.32 -10.73
CA THR C 303 9.08 33.10 -10.62
C THR C 303 9.20 33.89 -11.90
N TYR C 304 8.85 35.17 -11.85
CA TYR C 304 8.94 36.02 -13.04
C TYR C 304 10.40 36.31 -13.36
N VAL C 305 10.79 36.05 -14.61
CA VAL C 305 12.17 36.27 -15.03
C VAL C 305 12.49 37.73 -15.28
N ASN C 306 11.51 38.49 -15.77
CA ASN C 306 11.70 39.91 -16.05
C ASN C 306 11.16 40.78 -14.91
#